data_5YG8
#
_entry.id   5YG8
#
_cell.length_a   98.590
_cell.length_b   98.590
_cell.length_c   256.151
_cell.angle_alpha   90.000
_cell.angle_beta   90.000
_cell.angle_gamma   120.000
#
_symmetry.space_group_name_H-M   'P 31 1 2'
#
loop_
_entity.id
_entity.type
_entity.pdbx_description
1 polymer 'Ribose 1,5-bisphosphate isomerase'
2 non-polymer RIBULOSE-1,5-DIPHOSPHATE
3 non-polymer (4S)-2-METHYL-2,4-PENTANEDIOL
4 non-polymer 'ADENOSINE MONOPHOSPHATE'
5 non-polymer 'POTASSIUM ION'
6 non-polymer "GUANOSINE-5'-MONOPHOSPHATE"
7 water water
#
_entity_poly.entity_id   1
_entity_poly.type   'polypeptide(L)'
_entity_poly.pdbx_seq_one_letter_code
;MGAMIVKEVYETAEKIKSMEIRGAGRIARAAAQALMIQAEKSKAKEPEELWNELKVASKILYNTRPTAVSLPNALRYVMH
RVKAAYLGGADLETLRFTAINSAKEFIYNSEKAIERIGEIGAKRIEDGDIIMTHCHSKAAISVMKKAFEQGKNIKVIVTE
TRPKWQGKITAKELASYGIPVIYIVDSAARHYMKMTDKVVMGADSITANGAVINKIGTSLIALTAKEHRVWVMIAAETYK
FHPATMLGQLVEIEMRDPTEVIPEEELRTWPKNIEVWNPAFDVTPPEYIDVIITERGIIPPYAAIDILKEEFGWALKYKE
PWED
;
_entity_poly.pdbx_strand_id   A,B,C
#
loop_
_chem_comp.id
_chem_comp.type
_chem_comp.name
_chem_comp.formula
5GP non-polymer GUANOSINE-5'-MONOPHOSPHATE 'C10 H14 N5 O8 P'
AMP non-polymer 'ADENOSINE MONOPHOSPHATE' 'C10 H14 N5 O7 P'
K non-polymer 'POTASSIUM ION' 'K 1'
MPD non-polymer (4S)-2-METHYL-2,4-PENTANEDIOL 'C6 H14 O2'
RUB saccharide RIBULOSE-1,5-DIPHOSPHATE 'C5 H12 O11 P2'
#
# COMPACT_ATOMS: atom_id res chain seq x y z
N ALA A 3 6.43 -45.59 6.87
CA ALA A 3 7.11 -45.32 5.56
C ALA A 3 8.64 -45.52 5.63
N MET A 4 9.29 -45.50 4.46
CA MET A 4 10.72 -45.76 4.35
C MET A 4 11.40 -44.63 3.57
N ILE A 5 12.15 -43.84 4.30
CA ILE A 5 12.67 -42.59 3.83
C ILE A 5 14.16 -42.75 3.55
N VAL A 6 14.62 -42.23 2.42
CA VAL A 6 16.05 -42.26 2.08
C VAL A 6 16.91 -41.48 3.07
N LYS A 7 18.20 -41.77 3.08
CA LYS A 7 19.08 -41.16 4.04
C LYS A 7 19.20 -39.64 3.76
N GLU A 8 19.09 -39.25 2.50
CA GLU A 8 19.25 -37.84 2.09
C GLU A 8 18.13 -36.91 2.61
N VAL A 9 16.94 -37.44 2.83
CA VAL A 9 15.91 -36.66 3.52
C VAL A 9 16.31 -36.39 4.98
N TYR A 10 16.77 -37.44 5.68
CA TYR A 10 17.20 -37.30 7.08
C TYR A 10 18.45 -36.42 7.21
N GLU A 11 19.39 -36.54 6.26
CA GLU A 11 20.65 -35.79 6.30
C GLU A 11 20.44 -34.30 6.07
N THR A 12 19.63 -33.99 5.08
CA THR A 12 19.24 -32.63 4.79
C THR A 12 18.54 -32.04 6.01
N ALA A 13 17.60 -32.75 6.59
CA ALA A 13 16.92 -32.25 7.77
C ALA A 13 17.92 -31.96 8.91
N GLU A 14 18.89 -32.83 9.12
CA GLU A 14 19.91 -32.64 10.18
C GLU A 14 20.77 -31.42 9.91
N LYS A 15 21.14 -31.27 8.65
CA LYS A 15 21.95 -30.15 8.23
C LYS A 15 21.21 -28.78 8.25
N ILE A 16 19.89 -28.78 8.05
CA ILE A 16 19.08 -27.58 8.24
C ILE A 16 19.07 -27.19 9.71
N LYS A 17 18.74 -28.14 10.59
CA LYS A 17 18.68 -27.90 12.04
C LYS A 17 20.00 -27.38 12.54
N SER A 18 21.08 -28.00 12.10
CA SER A 18 22.42 -27.67 12.57
C SER A 18 23.03 -26.40 11.93
N MET A 19 22.31 -25.82 10.96
CA MET A 19 22.74 -24.69 10.15
C MET A 19 23.96 -24.94 9.27
N GLU A 20 24.31 -26.21 9.08
CA GLU A 20 25.34 -26.52 8.12
C GLU A 20 24.88 -26.10 6.69
N ILE A 21 23.60 -26.33 6.39
CA ILE A 21 22.89 -25.73 5.27
C ILE A 21 22.11 -24.56 5.87
N ARG A 22 22.27 -23.36 5.30
CA ARG A 22 21.61 -22.17 5.84
C ARG A 22 21.34 -21.07 4.80
N GLY A 23 20.62 -20.04 5.24
CA GLY A 23 20.09 -19.02 4.33
C GLY A 23 18.76 -19.55 3.88
N ALA A 24 17.75 -18.68 3.83
CA ALA A 24 16.37 -19.14 3.57
C ALA A 24 16.15 -19.66 2.15
N GLY A 25 16.82 -19.07 1.18
CA GLY A 25 16.72 -19.54 -0.19
C GLY A 25 17.30 -20.94 -0.28
N ARG A 26 18.50 -21.10 0.26
CA ARG A 26 19.22 -22.36 0.15
C ARG A 26 18.51 -23.48 0.87
N ILE A 27 18.08 -23.24 2.09
CA ILE A 27 17.25 -24.18 2.86
C ILE A 27 16.09 -24.68 2.00
N ALA A 28 15.43 -23.77 1.30
CA ALA A 28 14.24 -24.10 0.46
C ALA A 28 14.59 -25.01 -0.73
N ARG A 29 15.68 -24.67 -1.41
CA ARG A 29 16.22 -25.49 -2.46
C ARG A 29 16.55 -26.88 -1.92
N ALA A 30 17.34 -26.93 -0.86
CA ALA A 30 17.78 -28.19 -0.28
C ALA A 30 16.62 -29.08 0.11
N ALA A 31 15.55 -28.48 0.62
CA ALA A 31 14.33 -29.21 1.01
C ALA A 31 13.69 -29.82 -0.23
N ALA A 32 13.56 -29.02 -1.27
CA ALA A 32 13.01 -29.49 -2.54
C ALA A 32 13.90 -30.59 -3.19
N GLN A 33 15.19 -30.35 -3.25
CA GLN A 33 16.18 -31.36 -3.61
C GLN A 33 16.02 -32.68 -2.82
N ALA A 34 15.63 -32.61 -1.55
CA ALA A 34 15.47 -33.82 -0.75
C ALA A 34 14.22 -34.64 -1.11
N LEU A 35 13.07 -33.97 -1.27
CA LEU A 35 11.84 -34.62 -1.73
C LEU A 35 12.07 -35.20 -3.15
N MET A 36 12.89 -34.51 -3.96
CA MET A 36 13.29 -35.01 -5.26
C MET A 36 14.06 -36.34 -5.16
N ILE A 37 15.05 -36.42 -4.31
CA ILE A 37 15.80 -37.67 -4.08
C ILE A 37 14.91 -38.80 -3.50
N GLN A 38 13.97 -38.46 -2.62
CA GLN A 38 12.96 -39.42 -2.13
C GLN A 38 12.11 -40.05 -3.26
N ALA A 39 11.96 -39.35 -4.39
CA ALA A 39 11.22 -39.86 -5.52
C ALA A 39 12.20 -40.53 -6.50
N GLU A 40 13.36 -39.96 -6.78
CA GLU A 40 14.39 -40.71 -7.52
C GLU A 40 14.49 -42.14 -6.94
N LYS A 41 14.82 -42.26 -5.65
CA LYS A 41 15.24 -43.54 -5.00
C LYS A 41 14.16 -44.42 -4.35
N SER A 42 12.93 -43.91 -4.30
CA SER A 42 11.84 -44.68 -3.74
C SER A 42 11.74 -46.04 -4.41
N LYS A 43 11.35 -47.03 -3.61
CA LYS A 43 11.14 -48.38 -4.07
C LYS A 43 9.64 -48.66 -4.13
N ALA A 44 8.81 -47.67 -3.81
CA ALA A 44 7.37 -47.83 -3.82
C ALA A 44 6.88 -48.54 -5.08
N LYS A 45 5.83 -49.34 -4.90
CA LYS A 45 5.24 -50.19 -5.94
C LYS A 45 3.91 -49.65 -6.42
N GLU A 46 3.16 -48.94 -5.58
CA GLU A 46 1.95 -48.24 -6.03
C GLU A 46 1.98 -46.72 -5.71
N PRO A 47 1.13 -45.90 -6.37
CA PRO A 47 1.06 -44.47 -6.09
C PRO A 47 0.95 -44.07 -4.61
N GLU A 48 0.01 -44.66 -3.89
CA GLU A 48 -0.24 -44.35 -2.46
C GLU A 48 0.96 -44.62 -1.57
N GLU A 49 1.76 -45.60 -1.91
CA GLU A 49 2.98 -45.83 -1.17
C GLU A 49 3.82 -44.56 -1.26
N LEU A 50 4.11 -44.14 -2.49
CA LEU A 50 4.91 -42.93 -2.77
C LEU A 50 4.29 -41.66 -2.23
N TRP A 51 2.99 -41.46 -2.45
CA TRP A 51 2.26 -40.37 -1.80
C TRP A 51 2.51 -40.30 -0.28
N ASN A 52 2.57 -41.45 0.40
CA ASN A 52 2.88 -41.52 1.83
C ASN A 52 4.34 -41.21 2.16
N GLU A 53 5.27 -41.75 1.37
CA GLU A 53 6.69 -41.49 1.57
C GLU A 53 6.96 -39.97 1.52
N LEU A 54 6.35 -39.30 0.54
CA LEU A 54 6.52 -37.87 0.31
C LEU A 54 5.79 -36.99 1.32
N LYS A 55 4.59 -37.39 1.72
CA LYS A 55 3.92 -36.76 2.87
C LYS A 55 4.78 -36.73 4.16
N VAL A 56 5.56 -37.80 4.37
CA VAL A 56 6.28 -37.99 5.62
C VAL A 56 7.65 -37.32 5.52
N ALA A 57 8.33 -37.46 4.38
CA ALA A 57 9.54 -36.64 4.05
C ALA A 57 9.31 -35.12 4.18
N SER A 58 8.14 -34.67 3.74
CA SER A 58 7.80 -33.29 3.82
C SER A 58 7.70 -32.88 5.29
N LYS A 59 7.04 -33.70 6.10
CA LYS A 59 6.88 -33.41 7.53
C LYS A 59 8.22 -33.36 8.27
N ILE A 60 9.07 -34.33 7.98
CA ILE A 60 10.40 -34.34 8.52
C ILE A 60 11.09 -33.00 8.21
N LEU A 61 11.10 -32.61 6.94
CA LEU A 61 11.74 -31.36 6.51
C LEU A 61 11.11 -30.09 7.07
N TYR A 62 9.80 -30.07 7.26
CA TYR A 62 9.11 -28.88 7.78
C TYR A 62 9.42 -28.58 9.24
N ASN A 63 9.58 -29.63 10.05
CA ASN A 63 9.94 -29.52 11.48
C ASN A 63 11.46 -29.51 11.63
N THR A 64 12.12 -28.60 10.96
CA THR A 64 13.54 -28.41 11.13
C THR A 64 13.75 -27.02 11.74
N ARG A 65 13.38 -25.99 10.98
CA ARG A 65 13.52 -24.62 11.41
C ARG A 65 12.31 -23.80 11.00
N PRO A 66 11.68 -23.09 11.98
CA PRO A 66 10.35 -22.53 11.72
C PRO A 66 10.27 -21.20 10.95
N THR A 67 11.18 -20.28 11.18
CA THR A 67 10.96 -18.88 10.85
C THR A 67 10.98 -18.55 9.34
N ALA A 68 11.95 -19.08 8.59
CA ALA A 68 11.97 -18.86 7.13
C ALA A 68 10.85 -19.68 6.46
N VAL A 69 9.87 -18.99 5.92
CA VAL A 69 8.77 -19.60 5.17
C VAL A 69 9.20 -20.08 3.76
N SER A 70 10.38 -19.68 3.30
CA SER A 70 10.93 -20.23 2.08
C SER A 70 10.82 -21.77 2.13
N LEU A 71 11.11 -22.33 3.28
CA LEU A 71 11.05 -23.77 3.49
C LEU A 71 9.68 -24.38 3.16
N PRO A 72 8.61 -24.06 3.91
CA PRO A 72 7.30 -24.64 3.55
C PRO A 72 6.75 -24.27 2.19
N ASN A 73 7.18 -23.14 1.65
CA ASN A 73 6.75 -22.75 0.32
C ASN A 73 7.37 -23.65 -0.68
N ALA A 74 8.61 -24.07 -0.45
CA ALA A 74 9.25 -25.04 -1.34
C ALA A 74 8.49 -26.36 -1.31
N LEU A 75 8.20 -26.84 -0.11
CA LEU A 75 7.48 -28.05 0.09
C LEU A 75 6.13 -27.98 -0.53
N ARG A 76 5.41 -26.89 -0.29
CA ARG A 76 4.08 -26.69 -0.90
C ARG A 76 4.12 -26.64 -2.43
N TYR A 77 5.20 -26.12 -3.01
CA TYR A 77 5.31 -25.98 -4.46
C TYR A 77 5.38 -27.37 -5.05
N VAL A 78 6.12 -28.24 -4.39
CA VAL A 78 6.28 -29.59 -4.83
C VAL A 78 5.02 -30.38 -4.52
N MET A 79 4.54 -30.32 -3.29
CA MET A 79 3.41 -31.16 -2.89
C MET A 79 2.00 -30.71 -3.28
N HIS A 80 1.76 -29.45 -3.63
CA HIS A 80 0.44 -29.05 -4.22
C HIS A 80 0.28 -29.78 -5.55
N ARG A 81 1.34 -29.77 -6.35
CA ARG A 81 1.42 -30.52 -7.59
C ARG A 81 1.35 -32.04 -7.34
N VAL A 82 2.32 -32.62 -6.62
CA VAL A 82 2.27 -34.04 -6.31
C VAL A 82 0.88 -34.45 -5.84
N LYS A 83 0.26 -33.69 -4.95
CA LYS A 83 -1.07 -34.09 -4.42
C LYS A 83 -2.14 -34.14 -5.50
N ALA A 84 -2.19 -33.10 -6.33
CA ALA A 84 -3.19 -33.03 -7.40
C ALA A 84 -2.97 -34.14 -8.45
N ALA A 85 -1.72 -34.49 -8.75
CA ALA A 85 -1.46 -35.69 -9.52
C ALA A 85 -2.15 -36.90 -8.81
N TYR A 86 -1.74 -37.24 -7.58
CA TYR A 86 -2.29 -38.44 -6.89
C TYR A 86 -3.83 -38.42 -6.86
N LEU A 87 -4.45 -37.35 -6.38
CA LEU A 87 -5.92 -37.27 -6.42
C LEU A 87 -6.59 -37.32 -7.83
N GLY A 88 -5.85 -37.12 -8.92
CA GLY A 88 -6.36 -37.34 -10.29
C GLY A 88 -5.82 -38.66 -10.82
N GLY A 89 -5.94 -39.71 -9.99
CA GLY A 89 -5.33 -41.02 -10.19
C GLY A 89 -4.12 -41.14 -11.09
N ALA A 90 -3.09 -40.33 -10.87
CA ALA A 90 -1.83 -40.52 -11.60
C ALA A 90 -1.23 -41.86 -11.21
N ASP A 91 -0.82 -42.64 -12.19
CA ASP A 91 -0.17 -43.91 -11.89
C ASP A 91 1.16 -43.57 -11.22
N LEU A 92 1.80 -44.60 -10.64
CA LEU A 92 3.10 -44.47 -9.98
C LEU A 92 4.10 -43.57 -10.72
N GLU A 93 4.41 -43.87 -11.97
CA GLU A 93 5.50 -43.17 -12.65
C GLU A 93 5.17 -41.71 -13.02
N THR A 94 3.88 -41.46 -13.16
CA THR A 94 3.35 -40.11 -13.30
C THR A 94 3.61 -39.30 -12.02
N LEU A 95 3.30 -39.90 -10.87
CA LEU A 95 3.55 -39.27 -9.55
C LEU A 95 5.02 -39.04 -9.28
N ARG A 96 5.87 -39.99 -9.65
CA ARG A 96 7.31 -39.84 -9.44
C ARG A 96 7.86 -38.67 -10.22
N PHE A 97 7.34 -38.44 -11.41
CA PHE A 97 7.86 -37.37 -12.23
C PHE A 97 7.29 -36.03 -11.73
N THR A 98 5.99 -35.96 -11.46
CA THR A 98 5.38 -34.74 -10.90
C THR A 98 6.30 -34.18 -9.82
N ALA A 99 6.63 -35.03 -8.83
CA ALA A 99 7.44 -34.64 -7.68
C ALA A 99 8.85 -34.25 -8.10
N ILE A 100 9.54 -35.08 -8.86
CA ILE A 100 10.89 -34.75 -9.30
C ILE A 100 10.89 -33.44 -10.08
N ASN A 101 9.90 -33.26 -10.93
CA ASN A 101 9.89 -32.16 -11.89
C ASN A 101 9.46 -30.87 -11.22
N SER A 102 8.42 -30.96 -10.38
CA SER A 102 8.05 -29.85 -9.51
C SER A 102 9.24 -29.29 -8.76
N ALA A 103 10.01 -30.19 -8.15
CA ALA A 103 11.19 -29.82 -7.39
C ALA A 103 12.32 -29.24 -8.25
N LYS A 104 12.53 -29.76 -9.46
CA LYS A 104 13.50 -29.15 -10.41
C LYS A 104 13.06 -27.71 -10.83
N GLU A 105 11.74 -27.53 -11.06
CA GLU A 105 11.16 -26.20 -11.34
C GLU A 105 11.52 -25.22 -10.21
N PHE A 106 11.11 -25.54 -8.98
CA PHE A 106 11.31 -24.67 -7.81
C PHE A 106 12.75 -24.22 -7.65
N ILE A 107 13.66 -25.17 -7.79
CA ILE A 107 15.09 -24.93 -7.67
C ILE A 107 15.60 -24.04 -8.78
N TYR A 108 15.08 -24.25 -9.98
CA TYR A 108 15.53 -23.51 -11.16
C TYR A 108 15.03 -22.06 -11.01
N ASN A 109 13.74 -21.93 -10.73
CA ASN A 109 13.14 -20.63 -10.48
C ASN A 109 13.78 -19.88 -9.32
N SER A 110 14.12 -20.59 -8.25
CA SER A 110 14.89 -20.00 -7.18
C SER A 110 16.16 -19.36 -7.71
N GLU A 111 16.98 -20.11 -8.44
CA GLU A 111 18.23 -19.58 -9.02
C GLU A 111 17.94 -18.40 -9.97
N LYS A 112 16.89 -18.52 -10.77
CA LYS A 112 16.45 -17.43 -11.68
C LYS A 112 16.01 -16.17 -10.93
N ALA A 113 15.21 -16.35 -9.90
CA ALA A 113 14.73 -15.21 -9.12
C ALA A 113 15.87 -14.37 -8.50
N ILE A 114 16.89 -15.05 -7.97
CA ILE A 114 18.01 -14.37 -7.32
C ILE A 114 18.80 -13.56 -8.34
N GLU A 115 19.09 -14.13 -9.48
CA GLU A 115 19.83 -13.40 -10.49
C GLU A 115 19.09 -12.10 -10.91
N ARG A 116 17.79 -12.28 -11.09
CA ARG A 116 16.83 -11.23 -11.43
C ARG A 116 16.75 -10.13 -10.36
N ILE A 117 16.59 -10.53 -9.11
CA ILE A 117 16.67 -9.62 -7.98
C ILE A 117 17.99 -8.84 -8.04
N GLY A 118 19.05 -9.50 -8.45
CA GLY A 118 20.33 -8.83 -8.61
C GLY A 118 20.37 -7.73 -9.64
N GLU A 119 19.68 -7.95 -10.76
CA GLU A 119 19.70 -7.02 -11.90
C GLU A 119 18.85 -5.81 -11.60
N ILE A 120 17.74 -6.06 -10.93
CA ILE A 120 16.78 -5.03 -10.58
C ILE A 120 17.37 -4.11 -9.51
N GLY A 121 17.75 -4.72 -8.40
CA GLY A 121 18.27 -4.00 -7.26
C GLY A 121 19.55 -3.27 -7.54
N ALA A 122 20.34 -3.72 -8.48
CA ALA A 122 21.57 -2.99 -8.82
C ALA A 122 21.29 -1.60 -9.39
N LYS A 123 20.16 -1.42 -10.05
CA LYS A 123 19.81 -0.13 -10.65
C LYS A 123 19.58 0.93 -9.59
N ARG A 124 19.26 0.49 -8.37
CA ARG A 124 19.15 1.37 -7.22
C ARG A 124 20.45 1.62 -6.51
N ILE A 125 21.54 0.97 -6.95
CA ILE A 125 22.88 1.29 -6.45
C ILE A 125 23.50 2.29 -7.41
N GLU A 126 24.10 3.32 -6.81
CA GLU A 126 24.76 4.39 -7.54
C GLU A 126 26.25 4.27 -7.40
N ASP A 127 26.97 4.78 -8.37
CA ASP A 127 28.44 4.69 -8.38
C ASP A 127 28.97 5.44 -7.16
N GLY A 128 29.98 4.88 -6.51
CA GLY A 128 30.49 5.43 -5.24
C GLY A 128 29.76 5.00 -3.98
N ASP A 129 28.67 4.26 -4.11
CA ASP A 129 27.85 3.96 -2.96
C ASP A 129 28.64 3.17 -1.92
N ILE A 130 28.30 3.39 -0.66
CA ILE A 130 28.80 2.59 0.43
C ILE A 130 27.59 1.87 0.94
N ILE A 131 27.58 0.54 0.80
CA ILE A 131 26.39 -0.23 1.17
C ILE A 131 26.68 -0.93 2.49
N MET A 132 25.74 -0.83 3.43
CA MET A 132 25.78 -1.66 4.63
C MET A 132 24.80 -2.80 4.47
N THR A 133 25.26 -3.98 4.84
CA THR A 133 24.45 -5.19 4.82
C THR A 133 24.54 -5.90 6.16
N HIS A 134 23.79 -6.99 6.30
CA HIS A 134 23.71 -7.78 7.54
C HIS A 134 23.48 -9.24 7.22
N CYS A 135 24.02 -10.10 8.07
CA CYS A 135 23.99 -11.53 7.88
C CYS A 135 24.62 -11.92 6.54
N HIS A 136 24.25 -13.10 6.01
CA HIS A 136 24.69 -13.53 4.67
C HIS A 136 23.46 -13.83 3.86
N SER A 137 23.23 -13.08 2.81
CA SER A 137 22.00 -13.20 2.05
C SER A 137 22.39 -13.20 0.62
N LYS A 138 21.94 -14.26 -0.04
CA LYS A 138 22.35 -14.59 -1.37
C LYS A 138 21.72 -13.52 -2.27
N ALA A 139 20.46 -13.18 -1.95
CA ALA A 139 19.71 -12.14 -2.66
C ALA A 139 20.37 -10.77 -2.51
N ALA A 140 20.66 -10.34 -1.28
CA ALA A 140 21.38 -9.08 -1.05
C ALA A 140 22.70 -9.03 -1.81
N ILE A 141 23.47 -10.12 -1.71
CA ILE A 141 24.73 -10.29 -2.44
C ILE A 141 24.55 -10.29 -3.98
N SER A 142 23.43 -10.80 -4.49
CA SER A 142 23.20 -10.72 -5.94
C SER A 142 23.14 -9.25 -6.38
N VAL A 143 22.41 -8.44 -5.61
CA VAL A 143 22.35 -6.98 -5.79
C VAL A 143 23.72 -6.32 -5.75
N MET A 144 24.48 -6.64 -4.73
CA MET A 144 25.79 -5.99 -4.55
C MET A 144 26.79 -6.42 -5.61
N LYS A 145 26.83 -7.72 -5.91
CA LYS A 145 27.72 -8.26 -6.92
C LYS A 145 27.40 -7.65 -8.29
N LYS A 146 26.11 -7.58 -8.63
CA LYS A 146 25.72 -7.06 -9.92
C LYS A 146 26.05 -5.58 -10.08
N ALA A 147 25.86 -4.80 -9.04
CA ALA A 147 26.31 -3.39 -9.09
C ALA A 147 27.79 -3.29 -9.42
N PHE A 148 28.62 -4.03 -8.68
CA PHE A 148 30.04 -4.06 -8.91
C PHE A 148 30.42 -4.45 -10.34
N GLU A 149 29.77 -5.46 -10.91
CA GLU A 149 30.02 -5.89 -12.30
C GLU A 149 29.68 -4.83 -13.33
N GLN A 150 28.66 -4.02 -13.04
CA GLN A 150 28.31 -2.81 -13.84
C GLN A 150 29.38 -1.72 -13.81
N GLY A 151 30.48 -1.92 -13.06
CA GLY A 151 31.58 -0.95 -12.99
C GLY A 151 31.33 0.18 -12.01
N LYS A 152 30.28 0.07 -11.20
CA LYS A 152 30.07 1.01 -10.09
C LYS A 152 31.13 0.73 -9.06
N ASN A 153 31.62 1.77 -8.40
CA ASN A 153 32.71 1.60 -7.47
C ASN A 153 32.11 1.63 -6.11
N ILE A 154 31.76 0.47 -5.59
CA ILE A 154 31.13 0.38 -4.28
C ILE A 154 32.10 -0.11 -3.23
N LYS A 155 31.73 0.11 -1.97
CA LYS A 155 32.34 -0.54 -0.79
C LYS A 155 31.19 -1.08 0.04
N VAL A 156 31.35 -2.25 0.63
CA VAL A 156 30.30 -2.82 1.49
C VAL A 156 30.71 -2.94 2.95
N ILE A 157 29.92 -2.32 3.82
CA ILE A 157 30.13 -2.49 5.28
C ILE A 157 29.44 -3.78 5.66
N VAL A 158 30.22 -4.79 6.03
CA VAL A 158 29.65 -6.06 6.44
C VAL A 158 29.61 -6.08 7.96
N THR A 159 28.42 -6.24 8.52
CA THR A 159 28.28 -6.51 9.96
C THR A 159 28.53 -8.01 10.24
N GLU A 160 29.26 -8.29 11.32
CA GLU A 160 29.72 -9.65 11.66
C GLU A 160 28.61 -10.65 11.97
N THR A 161 27.51 -10.13 12.50
CA THR A 161 26.27 -10.87 12.71
C THR A 161 26.41 -11.98 13.74
N ARG A 162 26.32 -11.59 15.00
CA ARG A 162 26.37 -12.56 16.08
C ARG A 162 25.00 -13.20 16.18
N PRO A 163 24.87 -14.39 16.80
CA PRO A 163 25.96 -15.17 17.39
C PRO A 163 26.82 -15.97 16.46
N LYS A 164 26.30 -16.28 15.29
CA LYS A 164 26.86 -17.30 14.41
C LYS A 164 27.83 -16.80 13.38
N TRP A 165 28.19 -15.53 13.37
CA TRP A 165 29.23 -15.01 12.47
C TRP A 165 28.97 -15.08 10.94
N GLN A 166 27.72 -15.01 10.52
CA GLN A 166 27.38 -15.09 9.08
C GLN A 166 28.11 -14.02 8.26
N GLY A 167 28.39 -12.89 8.93
CA GLY A 167 29.17 -11.81 8.39
C GLY A 167 30.50 -12.21 7.82
N LYS A 168 31.17 -13.19 8.41
CA LYS A 168 32.45 -13.66 7.84
C LYS A 168 32.27 -14.28 6.47
N ILE A 169 31.17 -15.00 6.30
CA ILE A 169 30.87 -15.62 5.03
C ILE A 169 30.64 -14.48 4.02
N THR A 170 29.85 -13.50 4.43
CA THR A 170 29.55 -12.38 3.57
C THR A 170 30.82 -11.62 3.18
N ALA A 171 31.64 -11.30 4.18
CA ALA A 171 32.89 -10.55 3.95
C ALA A 171 33.84 -11.23 2.94
N LYS A 172 34.19 -12.49 3.23
CA LYS A 172 35.03 -13.30 2.35
C LYS A 172 34.46 -13.45 0.93
N GLU A 173 33.20 -13.82 0.83
CA GLU A 173 32.54 -13.90 -0.49
C GLU A 173 32.64 -12.60 -1.31
N LEU A 174 32.13 -11.49 -0.77
CA LEU A 174 32.21 -10.20 -1.48
C LEU A 174 33.64 -9.83 -1.83
N ALA A 175 34.58 -10.15 -0.95
CA ALA A 175 35.97 -9.76 -1.15
C ALA A 175 36.57 -10.56 -2.26
N SER A 176 36.16 -11.82 -2.40
CA SER A 176 36.63 -12.69 -3.49
C SER A 176 36.07 -12.29 -4.84
N TYR A 177 34.89 -11.64 -4.90
CA TYR A 177 34.42 -11.00 -6.17
C TYR A 177 35.13 -9.67 -6.51
N GLY A 178 36.07 -9.18 -5.69
CA GLY A 178 36.77 -7.93 -5.98
C GLY A 178 36.29 -6.69 -5.22
N ILE A 179 35.18 -6.84 -4.51
CA ILE A 179 34.48 -5.75 -3.88
C ILE A 179 35.16 -5.41 -2.55
N PRO A 180 35.62 -4.17 -2.38
CA PRO A 180 36.14 -3.73 -1.06
C PRO A 180 35.13 -3.91 0.09
N VAL A 181 35.59 -4.49 1.20
CA VAL A 181 34.75 -4.76 2.36
C VAL A 181 35.30 -4.02 3.56
N ILE A 182 34.39 -3.53 4.39
CA ILE A 182 34.69 -2.97 5.71
C ILE A 182 33.93 -3.83 6.70
N TYR A 183 34.64 -4.55 7.58
CA TYR A 183 34.02 -5.47 8.53
C TYR A 183 33.99 -4.81 9.88
N ILE A 184 32.81 -4.75 10.47
CA ILE A 184 32.55 -4.11 11.77
C ILE A 184 31.63 -4.96 12.63
N VAL A 185 31.62 -4.69 13.93
CA VAL A 185 30.67 -5.38 14.84
C VAL A 185 29.25 -4.81 14.69
N ASP A 186 28.25 -5.60 15.06
CA ASP A 186 26.85 -5.18 14.90
C ASP A 186 26.53 -3.91 15.69
N SER A 187 27.26 -3.68 16.77
CA SER A 187 27.11 -2.47 17.63
C SER A 187 27.53 -1.20 16.92
N ALA A 188 28.39 -1.33 15.90
CA ALA A 188 28.95 -0.18 15.20
C ALA A 188 28.08 0.36 14.07
N ALA A 189 26.84 -0.12 13.96
CA ALA A 189 25.98 0.18 12.81
C ALA A 189 25.59 1.65 12.77
N ARG A 190 25.15 2.20 13.89
CA ARG A 190 24.80 3.64 13.94
C ARG A 190 26.03 4.56 13.74
N HIS A 191 27.13 4.19 14.39
CA HIS A 191 28.38 4.89 14.25
C HIS A 191 28.74 5.04 12.78
N TYR A 192 28.58 4.00 12.00
CA TYR A 192 28.93 4.03 10.58
C TYR A 192 27.75 4.25 9.64
N MET A 193 26.57 4.58 10.16
CA MET A 193 25.46 4.89 9.33
C MET A 193 25.59 6.23 8.63
N LYS A 194 26.37 7.13 9.22
CA LYS A 194 26.58 8.43 8.63
C LYS A 194 27.28 8.29 7.28
N MET A 195 28.27 7.39 7.17
CA MET A 195 28.99 7.21 5.89
C MET A 195 28.33 6.28 4.86
N THR A 196 27.23 5.64 5.24
CA THR A 196 26.52 4.66 4.44
C THR A 196 25.52 5.39 3.57
N ASP A 197 25.47 5.04 2.29
CA ASP A 197 24.48 5.56 1.34
C ASP A 197 23.25 4.69 1.19
N LYS A 198 23.42 3.36 1.30
CA LYS A 198 22.29 2.41 1.18
C LYS A 198 22.50 1.23 2.09
N VAL A 199 21.38 0.64 2.50
CA VAL A 199 21.35 -0.61 3.21
C VAL A 199 20.61 -1.67 2.37
N VAL A 200 21.24 -2.82 2.23
CA VAL A 200 20.69 -3.90 1.42
C VAL A 200 20.76 -5.21 2.20
N MET A 201 19.60 -5.82 2.42
CA MET A 201 19.49 -7.00 3.28
C MET A 201 18.55 -8.03 2.69
N GLY A 202 18.62 -9.23 3.26
CA GLY A 202 17.72 -10.33 2.84
C GLY A 202 16.44 -10.37 3.65
N ALA A 203 15.67 -11.43 3.46
CA ALA A 203 14.48 -11.71 4.26
C ALA A 203 14.33 -13.18 4.43
N ASP A 204 13.69 -13.59 5.52
CA ASP A 204 13.30 -14.98 5.74
C ASP A 204 11.80 -15.09 5.64
N SER A 205 11.06 -14.10 6.12
CA SER A 205 9.61 -14.10 5.98
C SER A 205 9.08 -12.68 5.82
N ILE A 206 8.18 -12.44 4.89
CA ILE A 206 7.63 -11.13 4.74
C ILE A 206 6.16 -11.22 5.01
N THR A 207 5.62 -10.40 5.88
CA THR A 207 4.24 -10.58 6.30
C THR A 207 3.28 -9.78 5.41
N ALA A 208 1.99 -10.06 5.57
CA ALA A 208 0.91 -9.40 4.81
C ALA A 208 0.95 -7.91 4.94
N ASN A 209 1.40 -7.41 6.08
CA ASN A 209 1.31 -6.00 6.37
C ASN A 209 2.58 -5.27 6.09
N GLY A 210 3.61 -5.99 5.66
CA GLY A 210 4.83 -5.38 5.18
C GLY A 210 6.05 -5.65 6.03
N ALA A 211 5.89 -6.33 7.17
CA ALA A 211 7.01 -6.51 8.10
C ALA A 211 7.98 -7.54 7.58
N VAL A 212 9.26 -7.32 7.84
CA VAL A 212 10.34 -8.22 7.41
C VAL A 212 11.01 -8.93 8.61
N ILE A 213 10.81 -10.24 8.67
CA ILE A 213 11.53 -11.09 9.56
C ILE A 213 12.83 -11.41 8.85
N ASN A 214 13.95 -11.09 9.49
CA ASN A 214 15.29 -11.37 8.99
C ASN A 214 16.18 -11.52 10.22
N LYS A 215 17.45 -11.89 9.99
CA LYS A 215 18.45 -12.13 11.05
C LYS A 215 18.43 -11.11 12.16
N ILE A 216 18.40 -11.62 13.40
CA ILE A 216 18.47 -10.78 14.61
C ILE A 216 19.44 -9.62 14.36
N GLY A 217 19.02 -8.43 14.78
CA GLY A 217 19.75 -7.18 14.59
C GLY A 217 19.30 -6.40 13.39
N THR A 218 18.41 -6.99 12.58
CA THR A 218 17.97 -6.38 11.31
C THR A 218 17.14 -5.14 11.64
N SER A 219 16.24 -5.24 12.59
CA SER A 219 15.43 -4.12 12.96
C SER A 219 16.24 -2.94 13.50
N LEU A 220 17.39 -3.20 14.13
CA LEU A 220 18.23 -2.12 14.62
C LEU A 220 18.86 -1.36 13.50
N ILE A 221 19.48 -2.08 12.59
CA ILE A 221 20.06 -1.45 11.40
C ILE A 221 19.03 -0.66 10.62
N ALA A 222 17.81 -1.15 10.55
CA ALA A 222 16.76 -0.49 9.80
C ALA A 222 16.33 0.80 10.50
N LEU A 223 16.06 0.70 11.79
CA LEU A 223 15.78 1.86 12.67
C LEU A 223 16.75 3.02 12.46
N THR A 224 18.05 2.75 12.58
CA THR A 224 19.00 3.83 12.49
C THR A 224 19.18 4.28 11.04
N ALA A 225 18.96 3.39 10.05
CA ALA A 225 18.94 3.81 8.63
C ALA A 225 17.83 4.84 8.41
N LYS A 226 16.71 4.66 9.10
CA LYS A 226 15.58 5.58 8.99
C LYS A 226 15.89 6.93 9.63
N GLU A 227 16.40 6.89 10.85
CA GLU A 227 16.98 8.02 11.57
C GLU A 227 17.89 8.90 10.72
N HIS A 228 18.64 8.29 9.82
CA HIS A 228 19.60 8.97 8.96
C HIS A 228 19.19 9.16 7.53
N ARG A 229 17.93 8.80 7.20
CA ARG A 229 17.44 8.73 5.82
C ARG A 229 18.33 7.94 4.86
N VAL A 230 18.88 6.83 5.29
CA VAL A 230 19.48 5.88 4.36
C VAL A 230 18.41 4.87 3.90
N TRP A 231 18.32 4.62 2.58
CA TRP A 231 17.30 3.68 2.08
C TRP A 231 17.60 2.29 2.56
N VAL A 232 16.58 1.61 3.05
CA VAL A 232 16.67 0.21 3.43
C VAL A 232 16.00 -0.58 2.32
N MET A 233 16.81 -1.36 1.62
CA MET A 233 16.28 -2.20 0.52
C MET A 233 16.39 -3.65 0.90
N ILE A 234 15.24 -4.32 1.01
CA ILE A 234 15.18 -5.77 1.25
C ILE A 234 15.04 -6.57 -0.05
N ALA A 235 16.13 -7.17 -0.52
CA ALA A 235 16.16 -8.20 -1.59
C ALA A 235 15.57 -9.55 -1.19
N ALA A 236 14.42 -9.89 -1.75
CA ALA A 236 13.67 -11.03 -1.27
C ALA A 236 12.79 -11.63 -2.38
N GLU A 237 12.93 -12.94 -2.57
CA GLU A 237 12.13 -13.69 -3.55
C GLU A 237 10.65 -13.75 -3.13
N THR A 238 9.79 -14.07 -4.07
CA THR A 238 8.36 -14.18 -3.81
C THR A 238 8.01 -15.28 -2.81
N TYR A 239 8.81 -16.35 -2.83
CA TYR A 239 8.60 -17.44 -1.90
C TYR A 239 9.06 -17.09 -0.47
N LYS A 240 9.58 -15.89 -0.26
CA LYS A 240 9.86 -15.41 1.09
C LYS A 240 8.63 -14.82 1.76
N PHE A 241 7.52 -14.65 1.01
CA PHE A 241 6.34 -14.01 1.54
C PHE A 241 5.47 -15.07 2.25
N HIS A 242 4.88 -14.67 3.36
CA HIS A 242 4.28 -15.61 4.29
C HIS A 242 2.76 -15.64 4.18
N PRO A 243 2.19 -16.73 3.63
CA PRO A 243 0.76 -16.79 3.43
C PRO A 243 -0.07 -16.76 4.69
N ALA A 244 0.30 -17.57 5.67
CA ALA A 244 -0.48 -17.71 6.90
C ALA A 244 -0.73 -16.37 7.61
N THR A 245 0.17 -15.39 7.42
CA THR A 245 -0.01 -14.03 7.94
C THR A 245 -1.25 -13.32 7.38
N MET A 246 -1.69 -13.65 6.15
CA MET A 246 -2.96 -13.12 5.61
C MET A 246 -4.17 -13.40 6.51
N LEU A 247 -4.15 -14.49 7.24
CA LEU A 247 -5.29 -14.86 8.07
C LEU A 247 -4.99 -14.74 9.55
N GLY A 248 -3.96 -13.98 9.92
CA GLY A 248 -3.82 -13.46 11.28
C GLY A 248 -2.68 -14.03 12.09
N GLN A 249 -2.02 -15.01 11.51
CA GLN A 249 -0.91 -15.69 12.13
C GLN A 249 0.29 -14.78 12.31
N LEU A 250 0.94 -14.90 13.48
CA LEU A 250 2.25 -14.31 13.74
C LEU A 250 3.31 -15.35 13.42
N VAL A 251 4.42 -14.90 12.84
CA VAL A 251 5.55 -15.78 12.49
C VAL A 251 6.24 -16.23 13.78
N GLU A 252 6.57 -17.52 13.88
CA GLU A 252 7.34 -18.03 15.03
C GLU A 252 8.79 -17.58 14.95
N ILE A 253 9.27 -17.04 16.07
CA ILE A 253 10.66 -16.54 16.15
C ILE A 253 11.53 -17.59 16.83
N GLU A 254 12.42 -18.14 16.01
CA GLU A 254 13.17 -19.31 16.41
C GLU A 254 14.14 -18.96 17.51
N MET A 255 14.13 -19.76 18.57
CA MET A 255 15.06 -19.63 19.67
C MET A 255 16.08 -20.75 19.55
N ARG A 256 17.32 -20.36 19.26
CA ARG A 256 18.39 -21.32 19.15
C ARG A 256 19.14 -21.53 20.47
N ASP A 257 19.91 -22.59 20.46
CA ASP A 257 20.64 -23.05 21.62
C ASP A 257 21.49 -21.95 22.24
N PRO A 258 21.44 -21.80 23.57
CA PRO A 258 22.30 -20.82 24.22
C PRO A 258 23.79 -20.94 23.95
N THR A 259 24.27 -22.14 23.61
CA THR A 259 25.71 -22.32 23.43
C THR A 259 26.29 -21.74 22.14
N GLU A 260 25.42 -21.33 21.21
CA GLU A 260 25.81 -20.54 20.07
C GLU A 260 26.37 -19.18 20.53
N VAL A 261 25.86 -18.69 21.70
CA VAL A 261 26.29 -17.43 22.33
C VAL A 261 27.54 -17.56 23.24
N ILE A 262 27.38 -18.36 24.30
CA ILE A 262 28.44 -18.73 25.22
C ILE A 262 28.75 -20.20 25.00
N PRO A 263 29.97 -20.51 24.51
CA PRO A 263 30.36 -21.93 24.36
C PRO A 263 30.08 -22.84 25.58
N GLU A 264 29.63 -24.08 25.33
CA GLU A 264 29.45 -25.15 26.33
C GLU A 264 30.50 -25.10 27.48
N GLU A 265 31.80 -25.06 27.11
CA GLU A 265 32.93 -25.14 28.05
C GLU A 265 32.84 -24.03 29.04
N GLU A 266 32.37 -22.88 28.57
CA GLU A 266 32.24 -21.69 29.40
C GLU A 266 30.88 -21.62 30.11
N LEU A 267 29.79 -21.96 29.41
CA LEU A 267 28.48 -21.63 29.96
C LEU A 267 28.15 -22.51 31.16
N ARG A 268 28.56 -23.76 31.11
CA ARG A 268 28.39 -24.66 32.24
C ARG A 268 29.00 -24.13 33.55
N THR A 269 30.11 -23.36 33.48
CA THR A 269 30.69 -22.68 34.67
C THR A 269 29.97 -21.41 35.16
N TRP A 270 29.04 -20.87 34.38
CA TRP A 270 28.35 -19.62 34.75
C TRP A 270 27.27 -19.88 35.78
N PRO A 271 26.96 -18.88 36.63
CA PRO A 271 25.88 -19.05 37.60
C PRO A 271 24.52 -19.42 37.01
N LYS A 272 23.70 -20.03 37.85
CA LYS A 272 22.38 -20.50 37.48
C LYS A 272 21.39 -19.37 37.23
N ASN A 273 21.56 -18.20 37.88
CA ASN A 273 20.62 -17.09 37.75
CA ASN A 273 20.62 -17.07 37.79
C ASN A 273 20.91 -16.20 36.52
N ILE A 274 21.67 -16.71 35.56
CA ILE A 274 21.89 -16.11 34.24
C ILE A 274 21.27 -17.06 33.21
N GLU A 275 20.14 -16.67 32.60
CA GLU A 275 19.63 -17.27 31.37
C GLU A 275 20.26 -16.56 30.17
N VAL A 276 20.65 -17.31 29.16
CA VAL A 276 21.13 -16.81 27.87
C VAL A 276 19.99 -17.02 26.87
N TRP A 277 19.52 -15.93 26.26
CA TRP A 277 18.48 -15.96 25.21
C TRP A 277 19.06 -15.65 23.82
N ASN A 278 18.84 -16.56 22.86
CA ASN A 278 19.38 -16.50 21.50
C ASN A 278 18.27 -16.54 20.44
N PRO A 279 17.54 -15.44 20.29
CA PRO A 279 16.64 -15.35 19.16
C PRO A 279 17.45 -15.23 17.90
N ALA A 280 16.98 -15.90 16.85
CA ALA A 280 17.71 -16.03 15.59
C ALA A 280 17.30 -14.96 14.58
N PHE A 281 16.16 -14.33 14.87
CA PHE A 281 15.50 -13.37 13.98
C PHE A 281 14.83 -12.25 14.78
N ASP A 282 14.65 -11.10 14.15
CA ASP A 282 13.73 -10.09 14.68
C ASP A 282 12.84 -9.64 13.53
N VAL A 283 11.93 -8.72 13.83
CA VAL A 283 10.89 -8.30 12.91
C VAL A 283 11.01 -6.79 12.80
N THR A 284 11.33 -6.34 11.58
CA THR A 284 11.43 -4.94 11.22
C THR A 284 10.07 -4.45 10.69
N PRO A 285 9.55 -3.33 11.21
CA PRO A 285 8.29 -2.84 10.70
C PRO A 285 8.45 -2.16 9.37
N PRO A 286 7.37 -2.15 8.55
CA PRO A 286 7.40 -1.69 7.15
C PRO A 286 7.78 -0.24 6.94
N GLU A 287 7.36 0.65 7.82
CA GLU A 287 7.78 2.04 7.79
C GLU A 287 9.31 2.27 7.75
N TYR A 288 10.11 1.32 8.22
CA TYR A 288 11.57 1.43 8.11
C TYR A 288 12.12 0.84 6.82
N ILE A 289 11.22 0.42 5.93
CA ILE A 289 11.60 -0.18 4.65
C ILE A 289 11.18 0.65 3.45
N ASP A 290 12.15 0.88 2.57
CA ASP A 290 11.99 1.69 1.40
C ASP A 290 11.31 0.89 0.28
N VAL A 291 11.94 -0.21 -0.08
CA VAL A 291 11.48 -1.13 -1.10
C VAL A 291 11.84 -2.59 -0.80
N ILE A 292 11.01 -3.47 -1.31
CA ILE A 292 11.32 -4.89 -1.36
C ILE A 292 11.63 -5.16 -2.84
N ILE A 293 12.84 -5.63 -3.11
CA ILE A 293 13.22 -6.03 -4.47
C ILE A 293 12.86 -7.49 -4.61
N THR A 294 11.74 -7.78 -5.27
CA THR A 294 11.35 -9.14 -5.69
C THR A 294 11.74 -9.36 -7.13
N GLU A 295 11.66 -10.60 -7.60
CA GLU A 295 12.05 -10.93 -8.97
C GLU A 295 10.98 -10.50 -10.00
N ARG A 296 9.82 -10.12 -9.50
CA ARG A 296 8.78 -9.49 -10.28
C ARG A 296 8.86 -7.96 -10.23
N GLY A 297 9.94 -7.42 -9.69
CA GLY A 297 10.08 -5.98 -9.54
C GLY A 297 10.02 -5.40 -8.13
N ILE A 298 10.39 -4.12 -8.07
CA ILE A 298 10.42 -3.24 -6.89
C ILE A 298 9.02 -3.05 -6.41
N ILE A 299 8.82 -3.18 -5.11
CA ILE A 299 7.54 -2.81 -4.49
C ILE A 299 7.74 -2.04 -3.16
N PRO A 300 6.74 -1.25 -2.77
CA PRO A 300 6.79 -0.82 -1.40
C PRO A 300 6.45 -1.98 -0.48
N PRO A 301 6.86 -1.90 0.79
CA PRO A 301 6.58 -3.02 1.65
C PRO A 301 5.09 -3.26 1.88
N TYR A 302 4.23 -2.27 1.75
CA TYR A 302 2.79 -2.47 2.04
C TYR A 302 2.08 -3.32 0.98
N ALA A 303 2.63 -3.27 -0.23
CA ALA A 303 2.29 -4.16 -1.34
C ALA A 303 2.63 -5.66 -1.18
N ALA A 304 3.24 -6.08 -0.06
CA ALA A 304 3.41 -7.51 0.21
C ALA A 304 2.10 -8.31 0.14
N ILE A 305 0.99 -7.74 0.60
CA ILE A 305 -0.30 -8.41 0.50
C ILE A 305 -0.80 -8.65 -0.93
N ASP A 306 -0.36 -7.85 -1.89
CA ASP A 306 -0.76 -8.07 -3.30
C ASP A 306 -0.02 -9.30 -3.82
N ILE A 307 1.29 -9.32 -3.61
CA ILE A 307 2.10 -10.50 -3.88
C ILE A 307 1.44 -11.78 -3.30
N LEU A 308 0.92 -11.75 -2.09
CA LEU A 308 0.38 -12.92 -1.44
C LEU A 308 -1.01 -13.26 -1.92
N LYS A 309 -1.85 -12.23 -2.08
CA LYS A 309 -3.21 -12.38 -2.66
C LYS A 309 -3.21 -13.21 -3.93
N GLU A 310 -2.30 -12.87 -4.84
CA GLU A 310 -2.31 -13.36 -6.20
C GLU A 310 -1.47 -14.60 -6.41
N GLU A 311 -0.54 -14.89 -5.51
CA GLU A 311 0.31 -16.08 -5.64
C GLU A 311 0.07 -17.15 -4.61
N PHE A 312 -0.51 -16.80 -3.46
CA PHE A 312 -0.65 -17.71 -2.33
C PHE A 312 -2.07 -17.82 -1.76
N GLY A 313 -2.94 -16.84 -2.04
CA GLY A 313 -4.26 -16.76 -1.42
C GLY A 313 -5.07 -18.04 -1.52
N TRP A 314 -5.13 -18.60 -2.72
CA TRP A 314 -5.92 -19.82 -3.01
C TRP A 314 -5.73 -21.01 -2.07
N ALA A 315 -4.47 -21.33 -1.76
CA ALA A 315 -4.12 -22.49 -0.93
C ALA A 315 -4.57 -22.39 0.54
N LEU A 316 -4.97 -21.21 1.00
CA LEU A 316 -5.37 -20.98 2.41
C LEU A 316 -6.67 -21.63 2.85
N LYS A 317 -7.64 -21.78 1.93
CA LYS A 317 -8.90 -22.48 2.25
C LYS A 317 -8.66 -23.99 2.37
N TYR A 318 -7.60 -24.49 1.72
CA TYR A 318 -7.17 -25.88 1.84
C TYR A 318 -6.22 -26.08 2.99
N LYS A 319 -6.09 -27.33 3.36
CA LYS A 319 -5.10 -27.76 4.32
C LYS A 319 -3.73 -27.85 3.61
N GLU A 320 -2.69 -28.10 4.38
CA GLU A 320 -1.33 -28.21 3.85
C GLU A 320 -1.29 -29.44 2.95
N PRO A 321 -0.59 -29.39 1.82
CA PRO A 321 -0.56 -30.56 0.92
C PRO A 321 0.24 -31.81 1.38
N TRP A 322 0.60 -31.86 2.67
CA TRP A 322 1.23 -33.06 3.27
C TRP A 322 0.45 -33.60 4.49
N GLU A 323 -0.61 -32.89 4.91
CA GLU A 323 -1.50 -33.35 5.99
C GLU A 323 -2.48 -34.39 5.44
N ASP A 324 -3.13 -35.10 6.37
CA ASP A 324 -4.10 -36.15 6.01
C ASP A 324 -5.26 -36.26 7.02
N ALA B 3 14.58 10.17 -41.44
CA ALA B 3 15.63 11.16 -41.84
C ALA B 3 15.05 12.55 -42.22
N MET B 4 13.82 12.58 -42.74
CA MET B 4 13.19 13.79 -43.34
C MET B 4 12.16 14.44 -42.40
N ILE B 5 12.66 14.96 -41.29
CA ILE B 5 11.86 15.39 -40.13
C ILE B 5 11.37 16.82 -40.33
N VAL B 6 10.09 17.08 -40.10
CA VAL B 6 9.58 18.44 -40.30
C VAL B 6 10.08 19.39 -39.21
N LYS B 7 9.94 20.68 -39.45
CA LYS B 7 10.44 21.70 -38.55
C LYS B 7 9.64 21.79 -37.25
N GLU B 8 8.34 21.49 -37.28
CA GLU B 8 7.50 21.43 -36.05
C GLU B 8 8.03 20.52 -34.96
N VAL B 9 8.63 19.41 -35.37
CA VAL B 9 9.26 18.50 -34.44
C VAL B 9 10.49 19.20 -33.80
N TYR B 10 11.39 19.71 -34.63
CA TYR B 10 12.57 20.48 -34.21
C TYR B 10 12.28 21.68 -33.30
N GLU B 11 11.18 22.40 -33.59
CA GLU B 11 10.75 23.58 -32.86
C GLU B 11 10.25 23.17 -31.47
N THR B 12 9.39 22.16 -31.42
CA THR B 12 8.89 21.62 -30.14
C THR B 12 10.02 21.18 -29.22
N ALA B 13 10.97 20.45 -29.76
CA ALA B 13 12.16 20.02 -29.04
C ALA B 13 12.93 21.20 -28.41
N GLU B 14 13.14 22.26 -29.21
CA GLU B 14 13.84 23.47 -28.76
C GLU B 14 13.03 24.16 -27.68
N LYS B 15 11.72 24.28 -27.91
CA LYS B 15 10.81 24.90 -26.94
C LYS B 15 10.61 24.11 -25.61
N ILE B 16 10.82 22.79 -25.66
CA ILE B 16 10.82 21.97 -24.43
C ILE B 16 12.13 22.18 -23.67
N LYS B 17 13.28 22.17 -24.36
CA LYS B 17 14.59 22.45 -23.76
C LYS B 17 14.66 23.79 -23.09
N SER B 18 14.29 24.84 -23.81
CA SER B 18 14.29 26.22 -23.29
C SER B 18 13.19 26.52 -22.25
N MET B 19 12.29 25.57 -22.05
CA MET B 19 11.16 25.71 -21.14
C MET B 19 10.18 26.81 -21.54
N GLU B 20 10.21 27.18 -22.81
CA GLU B 20 9.13 27.95 -23.41
C GLU B 20 7.82 27.12 -23.33
N ILE B 21 7.91 25.82 -23.60
CA ILE B 21 6.84 24.86 -23.34
C ILE B 21 7.28 24.09 -22.10
N ARG B 22 6.45 24.05 -21.07
CA ARG B 22 6.88 23.51 -19.80
C ARG B 22 5.69 23.06 -18.94
N GLY B 23 6.02 22.33 -17.87
CA GLY B 23 5.02 21.64 -17.06
C GLY B 23 4.89 20.26 -17.64
N ALA B 24 4.82 19.26 -16.78
CA ALA B 24 4.94 17.90 -17.20
C ALA B 24 3.86 17.51 -18.20
N GLY B 25 2.62 17.84 -17.91
CA GLY B 25 1.50 17.43 -18.76
C GLY B 25 1.51 18.09 -20.14
N ARG B 26 1.81 19.38 -20.15
CA ARG B 26 1.84 20.14 -21.38
C ARG B 26 3.01 19.71 -22.30
N ILE B 27 4.18 19.44 -21.73
CA ILE B 27 5.30 18.86 -22.51
C ILE B 27 4.85 17.52 -23.17
N ALA B 28 4.07 16.71 -22.45
CA ALA B 28 3.56 15.45 -22.98
C ALA B 28 2.63 15.72 -24.17
N ARG B 29 1.68 16.61 -23.97
CA ARG B 29 0.78 16.97 -25.05
C ARG B 29 1.58 17.56 -26.23
N ALA B 30 2.55 18.42 -25.97
CA ALA B 30 3.32 19.04 -27.06
C ALA B 30 4.09 18.02 -27.88
N ALA B 31 4.37 16.85 -27.30
CA ALA B 31 5.14 15.84 -27.99
C ALA B 31 4.25 14.92 -28.83
N ALA B 32 3.13 14.46 -28.26
CA ALA B 32 2.07 13.81 -29.05
C ALA B 32 1.77 14.66 -30.29
N GLN B 33 1.44 15.92 -30.04
CA GLN B 33 1.17 16.89 -31.05
C GLN B 33 2.23 16.96 -32.14
N ALA B 34 3.49 16.85 -31.76
CA ALA B 34 4.60 16.97 -32.71
C ALA B 34 4.64 15.74 -33.59
N LEU B 35 4.45 14.56 -33.01
CA LEU B 35 4.37 13.33 -33.80
C LEU B 35 3.16 13.39 -34.74
N MET B 36 2.01 13.87 -34.26
CA MET B 36 0.83 14.16 -35.10
C MET B 36 1.17 14.98 -36.35
N ILE B 37 1.85 16.11 -36.18
CA ILE B 37 2.21 16.98 -37.32
C ILE B 37 3.24 16.29 -38.26
N GLN B 38 4.20 15.56 -37.70
CA GLN B 38 5.11 14.75 -38.50
C GLN B 38 4.32 13.80 -39.41
N ALA B 39 3.36 13.08 -38.84
CA ALA B 39 2.53 12.13 -39.58
C ALA B 39 1.64 12.83 -40.60
N GLU B 40 0.90 13.87 -40.20
CA GLU B 40 0.08 14.70 -41.13
C GLU B 40 0.85 15.26 -42.35
N LYS B 41 2.06 15.77 -42.13
CA LYS B 41 2.79 16.47 -43.18
C LYS B 41 3.80 15.58 -43.89
N SER B 42 3.88 14.30 -43.51
CA SER B 42 4.91 13.45 -44.11
C SER B 42 4.78 13.36 -45.63
N LYS B 43 5.93 13.40 -46.30
CA LYS B 43 6.01 13.18 -47.73
C LYS B 43 6.37 11.71 -48.05
N ALA B 44 6.35 10.84 -47.04
CA ALA B 44 6.66 9.43 -47.28
C ALA B 44 5.64 8.81 -48.22
N LYS B 45 6.11 7.87 -49.04
CA LYS B 45 5.26 7.06 -49.90
C LYS B 45 5.20 5.59 -49.46
N GLU B 46 6.18 5.12 -48.68
CA GLU B 46 6.16 3.76 -48.10
C GLU B 46 5.86 3.78 -46.58
N PRO B 47 5.12 2.78 -46.05
CA PRO B 47 4.93 2.71 -44.59
C PRO B 47 6.25 2.62 -43.80
N GLU B 48 7.21 1.84 -44.30
CA GLU B 48 8.55 1.74 -43.71
C GLU B 48 9.25 3.11 -43.54
N GLU B 49 8.97 4.02 -44.44
CA GLU B 49 9.63 5.30 -44.45
C GLU B 49 9.02 6.28 -43.42
N LEU B 50 7.70 6.28 -43.32
CA LEU B 50 6.98 7.04 -42.30
C LEU B 50 7.37 6.55 -40.91
N TRP B 51 7.24 5.24 -40.70
CA TRP B 51 7.72 4.56 -39.49
C TRP B 51 9.12 5.02 -39.09
N ASN B 52 10.02 5.13 -40.05
CA ASN B 52 11.35 5.65 -39.78
C ASN B 52 11.35 7.09 -39.27
N GLU B 53 10.57 7.93 -39.92
CA GLU B 53 10.39 9.32 -39.51
C GLU B 53 9.87 9.44 -38.09
N LEU B 54 8.87 8.63 -37.77
CA LEU B 54 8.20 8.69 -36.46
C LEU B 54 9.11 8.26 -35.33
N LYS B 55 10.00 7.30 -35.62
CA LYS B 55 10.98 6.85 -34.64
C LYS B 55 12.04 7.92 -34.39
N VAL B 56 12.57 8.50 -35.46
CA VAL B 56 13.58 9.56 -35.37
C VAL B 56 13.01 10.79 -34.68
N ALA B 57 11.78 11.15 -35.01
CA ALA B 57 11.09 12.26 -34.37
C ALA B 57 10.90 11.99 -32.88
N SER B 58 10.37 10.81 -32.55
CA SER B 58 10.30 10.36 -31.15
C SER B 58 11.66 10.53 -30.44
N LYS B 59 12.76 10.07 -31.03
CA LYS B 59 14.06 10.14 -30.35
C LYS B 59 14.43 11.58 -30.06
N ILE B 60 14.16 12.47 -31.02
CA ILE B 60 14.46 13.88 -30.85
C ILE B 60 13.64 14.46 -29.72
N LEU B 61 12.35 14.14 -29.68
CA LEU B 61 11.49 14.66 -28.62
C LEU B 61 11.88 14.11 -27.25
N TYR B 62 12.22 12.82 -27.19
CA TYR B 62 12.70 12.19 -25.96
C TYR B 62 13.99 12.76 -25.38
N ASN B 63 14.97 13.07 -26.22
CA ASN B 63 16.24 13.71 -25.78
C ASN B 63 16.10 15.20 -25.65
N THR B 64 15.14 15.62 -24.84
CA THR B 64 14.93 17.04 -24.58
C THR B 64 15.09 17.24 -23.09
N ARG B 65 14.17 16.70 -22.31
CA ARG B 65 14.20 16.78 -20.87
C ARG B 65 13.84 15.40 -20.31
N PRO B 66 14.67 14.88 -19.39
CA PRO B 66 14.53 13.53 -18.88
C PRO B 66 13.53 13.32 -17.76
N THR B 67 13.32 14.30 -16.89
CA THR B 67 12.80 13.96 -15.56
C THR B 67 11.32 13.65 -15.55
N ALA B 68 10.56 14.43 -16.31
CA ALA B 68 9.12 14.24 -16.44
C ALA B 68 8.83 13.00 -17.35
N VAL B 69 8.30 11.95 -16.74
CA VAL B 69 8.05 10.70 -17.41
C VAL B 69 6.83 10.74 -18.33
N SER B 70 5.92 11.69 -18.07
CA SER B 70 4.87 12.07 -18.99
C SER B 70 5.35 12.15 -20.43
N LEU B 71 6.50 12.79 -20.66
CA LEU B 71 7.01 12.91 -22.04
C LEU B 71 7.16 11.55 -22.74
N PRO B 72 8.04 10.64 -22.26
CA PRO B 72 8.09 9.33 -22.90
C PRO B 72 6.82 8.46 -22.80
N ASN B 73 5.93 8.74 -21.85
CA ASN B 73 4.60 8.08 -21.82
C ASN B 73 3.68 8.55 -22.95
N ALA B 74 3.82 9.82 -23.34
CA ALA B 74 3.09 10.37 -24.46
C ALA B 74 3.58 9.74 -25.75
N LEU B 75 4.89 9.72 -25.92
CA LEU B 75 5.50 9.11 -27.09
C LEU B 75 5.14 7.63 -27.19
N ARG B 76 5.19 6.92 -26.07
CA ARG B 76 4.84 5.49 -26.05
C ARG B 76 3.39 5.25 -26.46
N TYR B 77 2.50 6.07 -25.92
CA TYR B 77 1.07 5.92 -26.22
C TYR B 77 0.84 5.94 -27.75
N VAL B 78 1.44 6.93 -28.39
CA VAL B 78 1.42 7.02 -29.83
C VAL B 78 2.20 5.83 -30.41
N MET B 79 3.48 5.71 -30.08
CA MET B 79 4.36 4.74 -30.75
C MET B 79 4.08 3.23 -30.52
N HIS B 80 3.55 2.81 -29.38
CA HIS B 80 3.13 1.41 -29.24
C HIS B 80 2.11 1.08 -30.34
N ARG B 81 1.11 1.95 -30.46
CA ARG B 81 0.06 1.82 -31.45
C ARG B 81 0.57 1.93 -32.89
N VAL B 82 1.46 2.86 -33.16
CA VAL B 82 2.10 2.94 -34.48
C VAL B 82 2.96 1.69 -34.79
N LYS B 83 3.69 1.17 -33.81
CA LYS B 83 4.51 -0.02 -34.04
C LYS B 83 3.62 -1.24 -34.30
N ALA B 84 2.55 -1.41 -33.53
CA ALA B 84 1.67 -2.56 -33.76
C ALA B 84 1.03 -2.44 -35.13
N ALA B 85 0.47 -1.29 -35.50
CA ALA B 85 -0.04 -1.09 -36.87
C ALA B 85 0.99 -1.40 -37.98
N TYR B 86 2.23 -0.89 -37.84
CA TYR B 86 3.29 -1.12 -38.85
C TYR B 86 3.64 -2.61 -39.00
N LEU B 87 4.07 -3.24 -37.90
CA LEU B 87 4.35 -4.69 -37.89
C LEU B 87 3.14 -5.57 -38.27
N GLY B 88 1.92 -5.13 -38.02
CA GLY B 88 0.71 -5.82 -38.52
C GLY B 88 0.51 -5.71 -40.04
N GLY B 89 1.31 -4.87 -40.69
CA GLY B 89 1.33 -4.75 -42.14
C GLY B 89 0.50 -3.63 -42.71
N ALA B 90 0.30 -2.56 -41.95
CA ALA B 90 -0.57 -1.48 -42.37
C ALA B 90 0.04 -0.78 -43.58
N ASP B 91 -0.82 -0.29 -44.48
CA ASP B 91 -0.38 0.53 -45.59
C ASP B 91 -0.06 1.94 -45.07
N LEU B 92 0.53 2.77 -45.93
CA LEU B 92 0.96 4.12 -45.55
C LEU B 92 -0.13 4.88 -44.81
N GLU B 93 -1.31 5.00 -45.44
CA GLU B 93 -2.40 5.85 -44.91
C GLU B 93 -3.03 5.33 -43.63
N THR B 94 -3.02 4.02 -43.44
CA THR B 94 -3.47 3.45 -42.18
C THR B 94 -2.49 3.77 -41.05
N LEU B 95 -1.19 3.60 -41.32
CA LEU B 95 -0.14 4.03 -40.38
C LEU B 95 -0.22 5.54 -40.09
N ARG B 96 -0.36 6.37 -41.11
CA ARG B 96 -0.48 7.79 -40.88
C ARG B 96 -1.65 8.11 -39.94
N PHE B 97 -2.74 7.39 -40.07
CA PHE B 97 -3.87 7.71 -39.25
C PHE B 97 -3.70 7.12 -37.85
N THR B 98 -3.06 5.98 -37.69
CA THR B 98 -2.77 5.45 -36.35
C THR B 98 -1.95 6.49 -35.55
N ALA B 99 -0.95 7.10 -36.18
CA ALA B 99 -0.12 8.06 -35.52
C ALA B 99 -0.97 9.25 -35.10
N ILE B 100 -1.69 9.82 -36.06
CA ILE B 100 -2.50 11.01 -35.83
C ILE B 100 -3.59 10.78 -34.80
N ASN B 101 -4.28 9.66 -34.94
CA ASN B 101 -5.43 9.43 -34.10
C ASN B 101 -5.04 9.04 -32.71
N SER B 102 -3.84 8.47 -32.55
CA SER B 102 -3.33 8.09 -31.23
C SER B 102 -2.92 9.33 -30.50
N ALA B 103 -2.17 10.19 -31.20
CA ALA B 103 -1.76 11.47 -30.66
C ALA B 103 -2.99 12.20 -30.12
N LYS B 104 -4.06 12.17 -30.90
CA LYS B 104 -5.28 12.89 -30.55
C LYS B 104 -6.01 12.27 -29.37
N GLU B 105 -5.95 10.96 -29.27
CA GLU B 105 -6.52 10.25 -28.14
C GLU B 105 -5.85 10.71 -26.84
N PHE B 106 -4.53 10.89 -26.91
CA PHE B 106 -3.69 11.22 -25.74
C PHE B 106 -3.93 12.63 -25.29
N ILE B 107 -3.87 13.54 -26.25
CA ILE B 107 -4.16 14.94 -26.01
C ILE B 107 -5.55 15.07 -25.40
N TYR B 108 -6.54 14.37 -25.95
CA TYR B 108 -7.89 14.48 -25.44
C TYR B 108 -7.98 13.87 -24.02
N ASN B 109 -7.41 12.70 -23.84
CA ASN B 109 -7.31 12.10 -22.51
C ASN B 109 -6.57 12.94 -21.44
N SER B 110 -5.50 13.65 -21.84
CA SER B 110 -4.76 14.51 -20.92
C SER B 110 -5.65 15.62 -20.44
N GLU B 111 -6.37 16.24 -21.37
CA GLU B 111 -7.29 17.34 -21.05
C GLU B 111 -8.44 16.89 -20.16
N LYS B 112 -8.99 15.71 -20.43
CA LYS B 112 -10.07 15.16 -19.60
C LYS B 112 -9.62 14.75 -18.20
N ALA B 113 -8.38 14.28 -18.11
CA ALA B 113 -7.82 13.79 -16.85
C ALA B 113 -7.64 14.90 -15.83
N ILE B 114 -7.16 16.05 -16.33
CA ILE B 114 -6.91 17.24 -15.51
C ILE B 114 -8.21 17.81 -14.97
N GLU B 115 -9.24 17.82 -15.80
CA GLU B 115 -10.55 18.29 -15.39
C GLU B 115 -11.11 17.40 -14.25
N ARG B 116 -10.97 16.09 -14.47
CA ARG B 116 -11.44 15.05 -13.56
C ARG B 116 -10.68 15.06 -12.23
N ILE B 117 -9.37 15.25 -12.34
CA ILE B 117 -8.50 15.44 -11.15
C ILE B 117 -8.97 16.64 -10.30
N GLY B 118 -9.26 17.76 -10.98
CA GLY B 118 -9.87 18.90 -10.34
C GLY B 118 -11.17 18.60 -9.62
N GLU B 119 -12.06 17.86 -10.28
CA GLU B 119 -13.38 17.53 -9.68
C GLU B 119 -13.20 16.68 -8.41
N ILE B 120 -12.18 15.81 -8.47
CA ILE B 120 -11.92 14.83 -7.42
C ILE B 120 -11.18 15.52 -6.28
N GLY B 121 -10.09 16.19 -6.60
CA GLY B 121 -9.28 16.90 -5.61
C GLY B 121 -10.06 17.94 -4.85
N ALA B 122 -10.93 18.65 -5.56
CA ALA B 122 -11.69 19.72 -4.93
C ALA B 122 -12.57 19.27 -3.82
N LYS B 123 -12.93 18.00 -3.76
CA LYS B 123 -13.74 17.54 -2.66
C LYS B 123 -12.97 17.43 -1.38
N ARG B 124 -11.64 17.36 -1.47
CA ARG B 124 -10.79 17.39 -0.29
C ARG B 124 -10.48 18.82 0.20
N ILE B 125 -10.78 19.85 -0.61
CA ILE B 125 -10.72 21.22 -0.14
C ILE B 125 -12.04 21.55 0.57
N GLU B 126 -11.92 22.32 1.65
CA GLU B 126 -13.04 22.71 2.51
C GLU B 126 -13.10 24.21 2.55
N ASP B 127 -14.30 24.72 2.84
CA ASP B 127 -14.58 26.15 2.91
C ASP B 127 -13.66 26.78 3.94
N GLY B 128 -12.98 27.86 3.57
CA GLY B 128 -11.99 28.53 4.41
C GLY B 128 -10.53 28.06 4.32
N ASP B 129 -10.23 27.11 3.44
CA ASP B 129 -8.90 26.53 3.48
C ASP B 129 -7.89 27.52 2.96
N ILE B 130 -6.73 27.46 3.59
CA ILE B 130 -5.53 28.12 3.10
C ILE B 130 -4.69 27.00 2.50
N ILE B 131 -4.38 27.14 1.22
CA ILE B 131 -3.69 26.09 0.45
C ILE B 131 -2.31 26.57 0.06
N MET B 132 -1.29 25.83 0.41
CA MET B 132 0.02 26.15 -0.09
C MET B 132 0.34 25.25 -1.28
N THR B 133 0.92 25.84 -2.34
CA THR B 133 1.31 25.11 -3.57
C THR B 133 2.75 25.44 -3.92
N HIS B 134 3.24 24.95 -5.04
CA HIS B 134 4.65 25.11 -5.40
C HIS B 134 4.77 24.90 -6.90
N CYS B 135 5.65 25.68 -7.55
CA CYS B 135 5.76 25.67 -9.01
C CYS B 135 4.43 26.05 -9.66
N HIS B 136 4.34 25.77 -10.97
CA HIS B 136 3.09 25.84 -11.73
C HIS B 136 2.69 24.44 -12.23
N SER B 137 1.63 23.90 -11.64
CA SER B 137 1.06 22.60 -11.98
C SER B 137 -0.40 22.75 -12.36
N LYS B 138 -0.71 22.34 -13.59
CA LYS B 138 -2.07 22.44 -14.13
C LYS B 138 -3.04 21.58 -13.33
N ALA B 139 -2.52 20.45 -12.84
CA ALA B 139 -3.32 19.50 -12.10
C ALA B 139 -3.62 20.07 -10.73
N ALA B 140 -2.60 20.61 -10.08
CA ALA B 140 -2.79 21.29 -8.79
C ALA B 140 -3.79 22.40 -8.94
N ILE B 141 -3.57 23.25 -9.96
CA ILE B 141 -4.48 24.37 -10.24
C ILE B 141 -5.92 23.95 -10.57
N SER B 142 -6.11 22.80 -11.20
CA SER B 142 -7.45 22.34 -11.48
C SER B 142 -8.21 22.16 -10.19
N VAL B 143 -7.53 21.63 -9.18
CA VAL B 143 -8.15 21.36 -7.90
C VAL B 143 -8.58 22.67 -7.24
N MET B 144 -7.69 23.66 -7.25
CA MET B 144 -7.93 24.94 -6.53
C MET B 144 -8.99 25.73 -7.23
N LYS B 145 -8.81 25.85 -8.55
CA LYS B 145 -9.83 26.38 -9.48
C LYS B 145 -11.24 25.81 -9.23
N LYS B 146 -11.37 24.51 -9.17
CA LYS B 146 -12.69 23.91 -9.07
C LYS B 146 -13.30 24.16 -7.71
N ALA B 147 -12.48 24.04 -6.68
CA ALA B 147 -12.91 24.27 -5.29
C ALA B 147 -13.46 25.68 -5.09
N PHE B 148 -12.87 26.65 -5.76
CA PHE B 148 -13.38 28.01 -5.76
C PHE B 148 -14.73 28.14 -6.51
N GLU B 149 -14.82 27.54 -7.69
CA GLU B 149 -16.05 27.48 -8.46
C GLU B 149 -17.17 26.86 -7.68
N GLN B 150 -16.86 25.92 -6.79
CA GLN B 150 -17.87 25.37 -5.85
C GLN B 150 -18.31 26.34 -4.75
N GLY B 151 -17.67 27.50 -4.65
CA GLY B 151 -18.06 28.56 -3.70
C GLY B 151 -17.41 28.41 -2.36
N LYS B 152 -16.36 27.59 -2.29
CA LYS B 152 -15.52 27.52 -1.12
C LYS B 152 -14.61 28.76 -1.16
N ASN B 153 -14.41 29.39 0.00
CA ASN B 153 -13.63 30.59 0.07
C ASN B 153 -12.27 30.11 0.42
N ILE B 154 -11.39 30.09 -0.55
CA ILE B 154 -10.06 29.57 -0.35
C ILE B 154 -9.09 30.71 -0.56
N LYS B 155 -7.88 30.51 -0.09
CA LYS B 155 -6.82 31.50 -0.20
C LYS B 155 -5.62 30.64 -0.48
N VAL B 156 -4.81 31.00 -1.48
CA VAL B 156 -3.67 30.17 -1.84
C VAL B 156 -2.34 30.88 -1.57
N ILE B 157 -1.51 30.25 -0.74
CA ILE B 157 -0.12 30.63 -0.55
C ILE B 157 0.70 30.05 -1.70
N VAL B 158 1.38 30.94 -2.41
CA VAL B 158 2.10 30.58 -3.62
C VAL B 158 3.55 30.89 -3.36
N THR B 159 4.39 29.87 -3.54
CA THR B 159 5.81 30.01 -3.40
C THR B 159 6.31 30.39 -4.76
N GLU B 160 7.36 31.20 -4.74
CA GLU B 160 7.90 31.95 -5.88
C GLU B 160 8.56 30.99 -6.86
N THR B 161 9.07 29.90 -6.30
CA THR B 161 9.70 28.84 -7.06
C THR B 161 10.93 29.27 -7.89
N ARG B 162 12.04 29.50 -7.20
CA ARG B 162 13.29 29.72 -7.89
C ARG B 162 13.85 28.43 -8.50
N PRO B 163 14.74 28.55 -9.49
CA PRO B 163 15.27 29.82 -10.05
C PRO B 163 14.42 30.49 -11.14
N LYS B 164 13.50 29.72 -11.73
CA LYS B 164 12.80 30.07 -12.95
C LYS B 164 11.48 30.78 -12.70
N TRP B 165 11.11 30.98 -11.44
CA TRP B 165 9.97 31.81 -11.07
C TRP B 165 8.59 31.29 -11.52
N GLN B 166 8.43 29.97 -11.52
CA GLN B 166 7.15 29.39 -11.93
C GLN B 166 5.98 29.89 -11.11
N GLY B 167 6.26 30.33 -9.87
CA GLY B 167 5.24 30.84 -8.96
C GLY B 167 4.52 32.05 -9.48
N LYS B 168 5.21 32.89 -10.25
CA LYS B 168 4.57 34.08 -10.82
C LYS B 168 3.41 33.71 -11.74
N ILE B 169 3.59 32.60 -12.45
CA ILE B 169 2.59 32.10 -13.39
C ILE B 169 1.38 31.67 -12.54
N THR B 170 1.66 30.87 -11.52
CA THR B 170 0.61 30.35 -10.66
C THR B 170 -0.20 31.45 -9.98
N ALA B 171 0.55 32.45 -9.54
CA ALA B 171 0.02 33.56 -8.80
C ALA B 171 -0.95 34.36 -9.66
N LYS B 172 -0.50 34.73 -10.85
CA LYS B 172 -1.31 35.51 -11.78
C LYS B 172 -2.51 34.69 -12.28
N GLU B 173 -2.29 33.41 -12.57
CA GLU B 173 -3.36 32.54 -12.99
C GLU B 173 -4.46 32.39 -11.92
N LEU B 174 -4.08 32.03 -10.69
CA LEU B 174 -5.09 31.91 -9.62
C LEU B 174 -5.84 33.22 -9.39
N ALA B 175 -5.08 34.31 -9.41
CA ALA B 175 -5.64 35.67 -9.25
C ALA B 175 -6.70 35.97 -10.31
N SER B 176 -6.38 35.63 -11.55
CA SER B 176 -7.31 35.75 -12.69
C SER B 176 -8.65 35.02 -12.55
N TYR B 177 -8.74 33.91 -11.82
CA TYR B 177 -10.03 33.24 -11.59
C TYR B 177 -10.81 33.83 -10.43
N GLY B 178 -10.28 34.82 -9.73
CA GLY B 178 -10.89 35.30 -8.47
C GLY B 178 -10.24 34.82 -7.15
N ILE B 179 -9.17 34.02 -7.23
CA ILE B 179 -8.67 33.41 -6.03
C ILE B 179 -7.63 34.33 -5.39
N PRO B 180 -7.85 34.72 -4.10
CA PRO B 180 -6.83 35.48 -3.40
C PRO B 180 -5.54 34.68 -3.23
N VAL B 181 -4.40 35.36 -3.39
CA VAL B 181 -3.09 34.76 -3.32
C VAL B 181 -2.24 35.51 -2.26
N ILE B 182 -1.37 34.74 -1.60
CA ILE B 182 -0.34 35.26 -0.74
C ILE B 182 0.97 34.76 -1.35
N TYR B 183 1.81 35.67 -1.81
CA TYR B 183 3.05 35.28 -2.52
C TYR B 183 4.32 35.38 -1.61
N ILE B 184 4.96 34.25 -1.37
CA ILE B 184 6.09 34.18 -0.46
C ILE B 184 7.28 33.63 -1.19
N VAL B 185 8.46 33.86 -0.65
CA VAL B 185 9.67 33.21 -1.18
C VAL B 185 9.64 31.77 -0.68
N ASP B 186 10.43 30.88 -1.33
CA ASP B 186 10.43 29.42 -0.99
C ASP B 186 10.85 29.17 0.47
N SER B 187 11.80 29.99 0.94
CA SER B 187 12.30 29.92 2.32
C SER B 187 11.27 30.11 3.41
N ALA B 188 10.12 30.67 3.07
CA ALA B 188 9.14 31.00 4.10
C ALA B 188 8.13 29.92 4.29
N ALA B 189 8.27 28.79 3.57
CA ALA B 189 7.26 27.74 3.65
C ALA B 189 6.99 27.20 5.07
N ARG B 190 8.05 27.02 5.86
CA ARG B 190 7.84 26.60 7.25
C ARG B 190 7.21 27.70 8.11
N HIS B 191 7.70 28.91 7.98
CA HIS B 191 7.12 30.09 8.67
C HIS B 191 5.62 30.18 8.41
N TYR B 192 5.16 29.90 7.18
CA TYR B 192 3.69 29.95 6.91
C TYR B 192 2.90 28.61 6.95
N MET B 193 3.55 27.51 7.33
CA MET B 193 2.87 26.22 7.41
C MET B 193 1.92 26.18 8.59
N LYS B 194 2.10 27.04 9.61
CA LYS B 194 1.17 27.02 10.74
C LYS B 194 -0.23 27.56 10.35
N MET B 195 -0.30 28.40 9.29
CA MET B 195 -1.58 28.98 8.84
C MET B 195 -2.16 28.23 7.63
N THR B 196 -1.37 27.33 7.09
CA THR B 196 -1.78 26.45 5.99
C THR B 196 -2.59 25.29 6.50
N ASP B 197 -3.70 25.03 5.81
CA ASP B 197 -4.58 23.88 6.03
C ASP B 197 -4.30 22.71 5.07
N LYS B 198 -3.91 22.99 3.83
CA LYS B 198 -3.64 21.94 2.84
C LYS B 198 -2.45 22.32 1.99
N VAL B 199 -1.70 21.34 1.53
CA VAL B 199 -0.71 21.50 0.52
C VAL B 199 -1.21 20.72 -0.71
N VAL B 200 -1.08 21.32 -1.89
CA VAL B 200 -1.54 20.76 -3.15
C VAL B 200 -0.48 21.13 -4.20
N MET B 201 0.28 20.11 -4.63
CA MET B 201 1.31 20.29 -5.63
C MET B 201 1.10 19.24 -6.70
N GLY B 202 1.81 19.37 -7.79
CA GLY B 202 1.77 18.38 -8.86
C GLY B 202 2.92 17.40 -8.81
N ALA B 203 3.24 16.80 -9.96
CA ALA B 203 4.26 15.77 -10.08
C ALA B 203 4.74 15.65 -11.50
N ASP B 204 6.05 15.48 -11.68
CA ASP B 204 6.67 15.17 -12.97
C ASP B 204 6.78 13.66 -13.22
N SER B 205 7.25 12.93 -12.20
CA SER B 205 7.28 11.46 -12.16
C SER B 205 6.92 10.92 -10.77
N ILE B 206 6.28 9.76 -10.73
CA ILE B 206 5.90 9.08 -9.49
C ILE B 206 6.35 7.61 -9.58
N THR B 207 7.01 7.13 -8.54
CA THR B 207 7.79 5.90 -8.63
C THR B 207 6.96 4.77 -8.11
N ALA B 208 7.45 3.55 -8.38
CA ALA B 208 6.83 2.30 -7.94
C ALA B 208 6.56 2.20 -6.45
N ASN B 209 7.47 2.76 -5.64
CA ASN B 209 7.26 2.82 -4.17
C ASN B 209 6.50 4.04 -3.64
N GLY B 210 6.01 4.92 -4.53
CA GLY B 210 5.13 6.01 -4.10
C GLY B 210 5.82 7.34 -3.93
N ALA B 211 7.08 7.41 -4.33
CA ALA B 211 7.83 8.63 -4.23
C ALA B 211 7.46 9.58 -5.39
N VAL B 212 7.42 10.89 -5.10
CA VAL B 212 7.05 11.91 -6.04
C VAL B 212 8.27 12.77 -6.38
N ILE B 213 8.73 12.69 -7.63
CA ILE B 213 9.74 13.59 -8.17
C ILE B 213 8.93 14.79 -8.66
N ASN B 214 9.25 16.00 -8.25
CA ASN B 214 8.53 17.23 -8.62
C ASN B 214 9.53 18.38 -8.52
N LYS B 215 9.10 19.61 -8.80
CA LYS B 215 9.97 20.80 -8.80
C LYS B 215 10.82 20.84 -7.54
N ILE B 216 12.11 21.15 -7.71
CA ILE B 216 13.05 21.42 -6.60
C ILE B 216 12.38 22.26 -5.53
N GLY B 217 12.43 21.77 -4.27
CA GLY B 217 11.76 22.42 -3.10
C GLY B 217 10.52 21.72 -2.60
N THR B 218 10.00 20.81 -3.43
CA THR B 218 8.76 20.09 -3.12
C THR B 218 8.94 19.24 -1.86
N SER B 219 10.12 18.62 -1.72
CA SER B 219 10.41 17.75 -0.58
C SER B 219 10.46 18.50 0.73
N LEU B 220 11.01 19.72 0.70
CA LEU B 220 11.02 20.61 1.89
C LEU B 220 9.64 20.99 2.36
N ILE B 221 8.81 21.39 1.40
CA ILE B 221 7.42 21.78 1.72
C ILE B 221 6.71 20.55 2.30
N ALA B 222 6.82 19.41 1.63
CA ALA B 222 6.25 18.16 2.17
C ALA B 222 6.77 17.81 3.57
N LEU B 223 8.09 17.91 3.75
CA LEU B 223 8.75 17.67 5.05
C LEU B 223 8.12 18.46 6.19
N THR B 224 8.05 19.80 6.08
CA THR B 224 7.47 20.61 7.16
C THR B 224 5.95 20.54 7.20
N ALA B 225 5.31 20.21 6.09
CA ALA B 225 3.88 19.95 6.12
C ALA B 225 3.61 18.75 7.00
N LYS B 226 4.48 17.74 6.94
CA LYS B 226 4.37 16.57 7.80
C LYS B 226 4.59 16.90 9.27
N GLU B 227 5.66 17.66 9.52
CA GLU B 227 5.96 18.23 10.83
C GLU B 227 4.73 18.81 11.46
N HIS B 228 3.95 19.52 10.65
CA HIS B 228 2.76 20.22 11.12
C HIS B 228 1.43 19.48 10.99
N ARG B 229 1.41 18.27 10.42
CA ARG B 229 0.17 17.55 10.11
C ARG B 229 -0.69 18.25 9.08
N VAL B 230 -0.10 18.97 8.14
CA VAL B 230 -0.88 19.47 7.00
C VAL B 230 -0.92 18.46 5.88
N TRP B 231 -2.12 18.15 5.39
CA TRP B 231 -2.25 17.13 4.34
C TRP B 231 -1.44 17.58 3.13
N VAL B 232 -0.64 16.68 2.59
CA VAL B 232 0.05 16.93 1.33
C VAL B 232 -0.64 16.11 0.27
N MET B 233 -1.25 16.77 -0.71
CA MET B 233 -2.00 16.12 -1.78
C MET B 233 -1.29 16.39 -3.08
N ILE B 234 -0.92 15.32 -3.74
CA ILE B 234 -0.27 15.42 -5.03
C ILE B 234 -1.29 15.17 -6.15
N ALA B 235 -1.49 16.17 -7.03
CA ALA B 235 -2.46 16.09 -8.14
C ALA B 235 -1.75 15.55 -9.38
N ALA B 236 -2.13 14.38 -9.86
CA ALA B 236 -1.31 13.75 -10.91
C ALA B 236 -2.04 12.70 -11.72
N GLU B 237 -1.79 12.82 -13.03
CA GLU B 237 -2.40 12.01 -14.04
C GLU B 237 -1.70 10.70 -13.97
N THR B 238 -2.33 9.65 -14.46
CA THR B 238 -1.69 8.34 -14.57
C THR B 238 -0.41 8.33 -15.42
N TYR B 239 -0.29 9.20 -16.44
CA TYR B 239 0.94 9.22 -17.29
C TYR B 239 2.08 9.95 -16.58
N LYS B 240 1.86 10.39 -15.36
CA LYS B 240 2.96 10.78 -14.51
C LYS B 240 3.65 9.58 -13.84
N PHE B 241 3.11 8.38 -13.93
CA PHE B 241 3.70 7.28 -13.18
C PHE B 241 4.83 6.69 -13.99
N HIS B 242 5.87 6.23 -13.33
CA HIS B 242 7.13 5.95 -14.01
C HIS B 242 7.31 4.45 -14.13
N PRO B 243 7.25 3.91 -15.36
CA PRO B 243 7.19 2.46 -15.40
C PRO B 243 8.51 1.82 -15.18
N ALA B 244 9.60 2.42 -15.66
CA ALA B 244 10.95 1.85 -15.47
C ALA B 244 11.32 1.59 -13.98
N THR B 245 10.69 2.33 -13.07
CA THR B 245 10.99 2.19 -11.65
C THR B 245 10.52 0.89 -11.03
N MET B 246 9.54 0.23 -11.66
CA MET B 246 9.10 -1.14 -11.31
C MET B 246 10.23 -2.18 -11.41
N LEU B 247 11.19 -1.92 -12.29
CA LEU B 247 12.34 -2.78 -12.45
C LEU B 247 13.64 -2.15 -11.96
N GLY B 248 13.56 -1.23 -10.98
CA GLY B 248 14.72 -0.70 -10.24
C GLY B 248 15.44 0.55 -10.74
N GLN B 249 14.96 1.11 -11.84
CA GLN B 249 15.50 2.33 -12.38
C GLN B 249 15.22 3.50 -11.40
N LEU B 250 16.24 4.33 -11.18
CA LEU B 250 16.06 5.61 -10.48
C LEU B 250 15.85 6.66 -11.52
N VAL B 251 15.04 7.65 -11.18
CA VAL B 251 14.77 8.77 -12.09
C VAL B 251 15.94 9.75 -12.15
N GLU B 252 16.30 10.15 -13.37
CA GLU B 252 17.31 11.14 -13.57
C GLU B 252 16.72 12.49 -13.19
N ILE B 253 17.55 13.22 -12.45
CA ILE B 253 17.28 14.56 -12.04
C ILE B 253 18.09 15.52 -12.93
N GLU B 254 17.33 16.35 -13.65
CA GLU B 254 17.87 17.32 -14.61
C GLU B 254 18.66 18.38 -13.88
N MET B 255 19.86 18.62 -14.36
CA MET B 255 20.70 19.72 -13.90
C MET B 255 20.64 20.70 -15.03
N ARG B 256 20.21 21.91 -14.73
CA ARG B 256 19.97 22.89 -15.75
C ARG B 256 20.99 24.01 -15.71
N ASP B 257 20.97 24.86 -16.72
CA ASP B 257 22.00 25.87 -16.91
C ASP B 257 22.18 26.69 -15.60
N PRO B 258 23.45 26.89 -15.16
CA PRO B 258 23.67 27.77 -14.00
C PRO B 258 23.19 29.22 -14.21
N THR B 259 23.17 29.67 -15.45
CA THR B 259 22.70 31.02 -15.78
C THR B 259 21.24 31.25 -15.39
N GLU B 260 20.46 30.19 -15.21
CA GLU B 260 19.11 30.31 -14.64
C GLU B 260 19.13 30.89 -13.23
N VAL B 261 20.18 30.55 -12.48
CA VAL B 261 20.30 30.90 -11.06
C VAL B 261 20.90 32.29 -10.91
N ILE B 262 22.08 32.44 -11.53
CA ILE B 262 22.86 33.67 -11.58
C ILE B 262 23.02 34.07 -13.07
N PRO B 263 22.36 35.16 -13.51
CA PRO B 263 22.49 35.62 -14.91
C PRO B 263 23.93 35.70 -15.43
N GLU B 264 24.10 35.25 -16.68
CA GLU B 264 25.35 35.26 -17.47
C GLU B 264 26.23 36.48 -17.21
N GLU B 265 25.62 37.66 -17.30
CA GLU B 265 26.36 38.91 -17.19
C GLU B 265 27.12 38.99 -15.88
N GLU B 266 26.41 38.68 -14.78
CA GLU B 266 27.01 38.58 -13.42
C GLU B 266 27.94 37.38 -13.24
N LEU B 267 27.49 36.22 -13.73
CA LEU B 267 28.15 34.95 -13.48
C LEU B 267 29.58 34.94 -14.01
N ARG B 268 29.83 35.59 -15.16
CA ARG B 268 31.21 35.67 -15.69
C ARG B 268 32.17 36.45 -14.79
N THR B 269 31.65 37.33 -13.93
CA THR B 269 32.50 38.05 -12.98
C THR B 269 32.86 37.21 -11.73
N TRP B 270 32.36 35.98 -11.61
CA TRP B 270 32.64 35.17 -10.42
C TRP B 270 33.85 34.29 -10.65
N PRO B 271 34.62 33.97 -9.57
CA PRO B 271 35.85 33.15 -9.71
C PRO B 271 35.56 31.68 -9.98
N LYS B 272 36.54 30.96 -10.55
CA LYS B 272 36.47 29.50 -10.80
C LYS B 272 35.82 28.69 -9.68
N ASN B 273 36.19 29.01 -8.44
CA ASN B 273 35.97 28.11 -7.30
C ASN B 273 34.58 28.26 -6.65
N ILE B 274 33.70 29.06 -7.26
CA ILE B 274 32.26 28.93 -7.01
C ILE B 274 31.63 28.09 -8.14
N GLU B 275 30.83 27.08 -7.77
CA GLU B 275 30.07 26.30 -8.73
C GLU B 275 28.60 26.51 -8.48
N VAL B 276 27.89 26.89 -9.51
CA VAL B 276 26.46 26.97 -9.38
C VAL B 276 25.88 25.63 -9.73
N TRP B 277 25.04 25.08 -8.87
CA TRP B 277 24.33 23.81 -9.16
C TRP B 277 22.83 24.05 -9.20
N ASN B 278 22.20 23.60 -10.28
CA ASN B 278 20.78 23.89 -10.53
C ASN B 278 19.93 22.63 -10.77
N PRO B 279 19.70 21.82 -9.73
CA PRO B 279 18.79 20.73 -9.91
C PRO B 279 17.40 21.31 -10.08
N ALA B 280 16.67 20.82 -11.08
CA ALA B 280 15.33 21.30 -11.38
C ALA B 280 14.25 20.53 -10.63
N PHE B 281 14.66 19.40 -10.04
CA PHE B 281 13.73 18.48 -9.34
C PHE B 281 14.32 17.94 -8.06
N ASP B 282 13.43 17.44 -7.21
CA ASP B 282 13.81 16.67 -6.06
C ASP B 282 12.76 15.63 -5.76
N VAL B 283 13.02 14.80 -4.77
CA VAL B 283 12.26 13.57 -4.61
C VAL B 283 11.68 13.57 -3.21
N THR B 284 10.37 13.53 -3.14
CA THR B 284 9.68 13.57 -1.91
C THR B 284 9.30 12.15 -1.58
N PRO B 285 9.69 11.66 -0.39
CA PRO B 285 9.26 10.31 -0.01
C PRO B 285 7.78 10.13 0.24
N PRO B 286 7.32 8.89 0.15
CA PRO B 286 5.89 8.63 0.28
C PRO B 286 5.29 8.81 1.67
N GLU B 287 6.11 8.78 2.72
CA GLU B 287 5.64 8.95 4.11
C GLU B 287 5.05 10.35 4.33
N TYR B 288 5.54 11.31 3.53
CA TYR B 288 5.19 12.71 3.56
C TYR B 288 4.01 13.10 2.65
N ILE B 289 3.39 12.13 1.99
CA ILE B 289 2.29 12.33 1.05
C ILE B 289 1.02 11.66 1.53
N ASP B 290 -0.04 12.42 1.73
CA ASP B 290 -1.35 11.96 2.21
C ASP B 290 -2.05 11.20 1.09
N VAL B 291 -2.35 11.88 -0.02
CA VAL B 291 -3.01 11.23 -1.15
C VAL B 291 -2.37 11.64 -2.46
N ILE B 292 -2.53 10.78 -3.47
CA ILE B 292 -2.25 11.15 -4.85
C ILE B 292 -3.63 11.17 -5.49
N ILE B 293 -3.94 12.24 -6.23
CA ILE B 293 -5.26 12.42 -6.83
C ILE B 293 -5.07 12.22 -8.31
N THR B 294 -5.66 11.15 -8.83
CA THR B 294 -5.55 10.86 -10.25
C THR B 294 -6.91 10.91 -10.89
N GLU B 295 -6.95 10.83 -12.22
CA GLU B 295 -8.22 10.79 -12.93
C GLU B 295 -9.09 9.58 -12.56
N ARG B 296 -8.47 8.52 -12.03
CA ARG B 296 -9.20 7.33 -11.57
C ARG B 296 -9.54 7.35 -10.10
N GLY B 297 -9.01 8.32 -9.37
CA GLY B 297 -9.41 8.54 -7.99
C GLY B 297 -8.23 8.77 -7.05
N ILE B 298 -8.58 8.83 -5.78
CA ILE B 298 -7.69 9.10 -4.65
C ILE B 298 -6.98 7.80 -4.31
N ILE B 299 -5.64 7.81 -4.34
CA ILE B 299 -4.85 6.72 -3.76
C ILE B 299 -3.88 7.17 -2.63
N PRO B 300 -3.51 6.21 -1.76
CA PRO B 300 -2.34 6.45 -0.91
C PRO B 300 -1.10 6.32 -1.76
N PRO B 301 -0.02 7.04 -1.44
CA PRO B 301 1.12 7.03 -2.36
C PRO B 301 1.63 5.61 -2.72
N TYR B 302 1.49 4.66 -1.80
CA TYR B 302 2.03 3.29 -1.96
C TYR B 302 1.32 2.48 -3.08
N ALA B 303 0.05 2.78 -3.29
CA ALA B 303 -0.70 2.28 -4.42
C ALA B 303 -0.21 2.75 -5.77
N ALA B 304 0.83 3.57 -5.81
CA ALA B 304 1.46 3.88 -7.09
C ALA B 304 1.79 2.59 -7.87
N ILE B 305 2.29 1.58 -7.19
CA ILE B 305 2.52 0.29 -7.84
C ILE B 305 1.29 -0.31 -8.56
N ASP B 306 0.07 -0.21 -7.98
CA ASP B 306 -1.16 -0.71 -8.63
C ASP B 306 -1.29 -0.09 -10.01
N ILE B 307 -1.26 1.25 -10.07
CA ILE B 307 -1.32 2.02 -11.32
C ILE B 307 -0.28 1.49 -12.32
N LEU B 308 0.94 1.36 -11.87
CA LEU B 308 1.96 0.92 -12.78
C LEU B 308 1.66 -0.48 -13.29
N LYS B 309 1.29 -1.38 -12.39
CA LYS B 309 1.00 -2.79 -12.74
C LYS B 309 -0.08 -2.90 -13.81
N GLU B 310 -1.26 -2.39 -13.51
CA GLU B 310 -2.44 -2.66 -14.30
C GLU B 310 -2.39 -1.91 -15.62
N GLU B 311 -1.66 -0.81 -15.70
CA GLU B 311 -1.59 0.00 -16.92
C GLU B 311 -0.28 0.10 -17.69
N PHE B 312 0.87 -0.17 -17.09
CA PHE B 312 2.17 0.04 -17.76
C PHE B 312 3.10 -1.16 -17.80
N GLY B 313 2.88 -2.15 -16.95
CA GLY B 313 3.87 -3.22 -16.73
C GLY B 313 4.08 -4.14 -17.94
N TRP B 314 2.98 -4.40 -18.67
CA TRP B 314 2.92 -5.21 -19.89
C TRP B 314 4.02 -4.86 -20.90
N ALA B 315 4.43 -3.58 -20.94
CA ALA B 315 5.42 -3.11 -21.91
C ALA B 315 6.90 -3.29 -21.52
N LEU B 316 7.15 -3.70 -20.29
CA LEU B 316 8.54 -3.77 -19.77
C LEU B 316 9.36 -4.95 -20.32
N LYS B 317 8.71 -6.03 -20.76
CA LYS B 317 9.40 -7.08 -21.51
C LYS B 317 9.89 -6.61 -22.89
N TYR B 318 9.19 -5.67 -23.54
CA TYR B 318 9.64 -5.15 -24.85
C TYR B 318 10.45 -3.89 -24.66
N LYS B 319 11.51 -3.75 -25.46
CA LYS B 319 12.12 -2.46 -25.81
C LYS B 319 11.14 -1.32 -26.19
N GLU B 320 11.73 -0.14 -26.25
CA GLU B 320 11.00 1.10 -26.45
C GLU B 320 10.45 1.11 -27.90
N PRO B 321 9.17 1.55 -28.10
CA PRO B 321 8.56 1.41 -29.41
C PRO B 321 9.07 2.34 -30.48
N TRP B 322 10.02 3.21 -30.16
CA TRP B 322 10.75 4.00 -31.14
C TRP B 322 12.14 3.42 -31.40
N GLU B 323 12.50 2.31 -30.76
CA GLU B 323 13.82 1.71 -30.98
C GLU B 323 13.83 0.83 -32.23
N ASP B 324 14.97 0.88 -32.94
CA ASP B 324 15.28 0.02 -34.13
C ASP B 324 15.22 -1.48 -33.88
N ALA C 3 -44.47 6.20 -0.29
CA ALA C 3 -45.26 7.12 0.57
C ALA C 3 -46.00 6.39 1.72
N MET C 4 -46.36 5.11 1.51
CA MET C 4 -46.93 4.24 2.56
C MET C 4 -45.81 3.48 3.30
N ILE C 5 -45.19 4.16 4.26
CA ILE C 5 -44.01 3.66 4.96
C ILE C 5 -44.47 3.02 6.27
N VAL C 6 -44.03 1.79 6.53
CA VAL C 6 -44.43 1.09 7.75
C VAL C 6 -43.79 1.69 9.03
N LYS C 7 -44.44 1.54 10.17
CA LYS C 7 -44.01 2.24 11.37
C LYS C 7 -42.68 1.69 11.84
N GLU C 8 -42.37 0.45 11.49
CA GLU C 8 -41.07 -0.17 11.90
C GLU C 8 -39.87 0.65 11.39
N VAL C 9 -39.98 1.15 10.15
CA VAL C 9 -38.98 2.03 9.53
C VAL C 9 -38.76 3.30 10.36
N TYR C 10 -39.83 4.00 10.71
CA TYR C 10 -39.75 5.19 11.58
C TYR C 10 -39.20 4.87 12.97
N GLU C 11 -39.49 3.69 13.53
CA GLU C 11 -38.95 3.32 14.84
C GLU C 11 -37.43 3.08 14.75
N THR C 12 -37.00 2.31 13.75
CA THR C 12 -35.55 2.13 13.50
C THR C 12 -34.85 3.47 13.34
N ALA C 13 -35.43 4.38 12.58
CA ALA C 13 -34.80 5.67 12.35
C ALA C 13 -34.66 6.47 13.63
N GLU C 14 -35.71 6.49 14.43
CA GLU C 14 -35.70 7.16 15.72
C GLU C 14 -34.61 6.60 16.60
N LYS C 15 -34.55 5.28 16.66
CA LYS C 15 -33.59 4.58 17.52
C LYS C 15 -32.16 4.70 17.06
N ILE C 16 -31.94 4.89 15.76
CA ILE C 16 -30.60 5.14 15.24
C ILE C 16 -30.20 6.56 15.66
N LYS C 17 -31.08 7.54 15.46
CA LYS C 17 -30.83 8.94 15.84
C LYS C 17 -30.53 9.14 17.33
N SER C 18 -31.32 8.52 18.21
CA SER C 18 -31.13 8.69 19.67
C SER C 18 -30.09 7.72 20.29
N MET C 19 -29.49 6.86 19.45
CA MET C 19 -28.46 5.88 19.82
C MET C 19 -28.91 4.76 20.75
N GLU C 20 -30.21 4.50 20.76
CA GLU C 20 -30.72 3.28 21.36
C GLU C 20 -30.22 2.07 20.52
N ILE C 21 -30.08 2.26 19.20
CA ILE C 21 -29.36 1.32 18.34
C ILE C 21 -28.08 2.02 17.85
N ARG C 22 -26.96 1.35 18.11
CA ARG C 22 -25.67 1.97 17.93
C ARG C 22 -24.56 0.96 17.73
N GLY C 23 -23.42 1.46 17.29
CA GLY C 23 -22.34 0.64 16.77
C GLY C 23 -22.58 0.51 15.29
N ALA C 24 -21.56 0.81 14.51
CA ALA C 24 -21.64 0.86 13.04
C ALA C 24 -22.28 -0.38 12.38
N GLY C 25 -21.86 -1.59 12.76
CA GLY C 25 -22.47 -2.83 12.22
C GLY C 25 -23.92 -3.09 12.61
N ARG C 26 -24.23 -2.87 13.88
CA ARG C 26 -25.61 -3.03 14.38
C ARG C 26 -26.62 -2.05 13.73
N ILE C 27 -26.15 -0.83 13.43
CA ILE C 27 -26.93 0.13 12.67
C ILE C 27 -27.22 -0.40 11.27
N ALA C 28 -26.22 -1.01 10.67
CA ALA C 28 -26.34 -1.54 9.33
C ALA C 28 -27.38 -2.64 9.28
N ARG C 29 -27.31 -3.53 10.26
CA ARG C 29 -28.20 -4.66 10.31
C ARG C 29 -29.60 -4.13 10.56
N ALA C 30 -29.73 -3.15 11.44
CA ALA C 30 -31.05 -2.58 11.76
C ALA C 30 -31.70 -1.80 10.59
N ALA C 31 -30.89 -1.22 9.70
CA ALA C 31 -31.43 -0.54 8.53
C ALA C 31 -31.90 -1.54 7.48
N ALA C 32 -31.13 -2.59 7.27
CA ALA C 32 -31.51 -3.70 6.40
C ALA C 32 -32.77 -4.41 6.89
N GLN C 33 -32.84 -4.68 8.18
CA GLN C 33 -34.02 -5.25 8.84
C GLN C 33 -35.29 -4.45 8.57
N ALA C 34 -35.19 -3.12 8.64
CA ALA C 34 -36.29 -2.19 8.37
C ALA C 34 -36.75 -2.24 6.90
N LEU C 35 -35.84 -2.19 5.93
CA LEU C 35 -36.17 -2.42 4.53
C LEU C 35 -36.83 -3.81 4.35
N MET C 36 -36.38 -4.80 5.13
CA MET C 36 -36.95 -6.15 5.06
C MET C 36 -38.38 -6.14 5.57
N ILE C 37 -38.59 -5.60 6.77
CA ILE C 37 -39.94 -5.45 7.33
C ILE C 37 -40.85 -4.54 6.47
N GLN C 38 -40.27 -3.58 5.73
CA GLN C 38 -41.05 -2.73 4.80
C GLN C 38 -41.63 -3.56 3.65
N ALA C 39 -40.80 -4.40 3.03
CA ALA C 39 -41.27 -5.29 1.97
C ALA C 39 -42.35 -6.27 2.50
N GLU C 40 -42.07 -6.94 3.60
CA GLU C 40 -42.99 -7.95 4.17
C GLU C 40 -44.37 -7.37 4.41
N LYS C 41 -44.40 -6.24 5.08
CA LYS C 41 -45.66 -5.60 5.50
C LYS C 41 -46.30 -4.62 4.48
N SER C 42 -45.67 -4.43 3.32
CA SER C 42 -46.15 -3.46 2.31
C SER C 42 -47.51 -3.87 1.76
N LYS C 43 -48.39 -2.90 1.60
CA LYS C 43 -49.67 -3.14 0.97
C LYS C 43 -49.67 -2.58 -0.46
N ALA C 44 -48.54 -2.65 -1.15
CA ALA C 44 -48.40 -2.11 -2.51
C ALA C 44 -48.96 -3.10 -3.55
N LYS C 45 -49.74 -2.58 -4.49
CA LYS C 45 -50.41 -3.41 -5.47
C LYS C 45 -49.59 -3.47 -6.75
N GLU C 46 -48.89 -2.40 -7.10
CA GLU C 46 -48.01 -2.44 -8.27
C GLU C 46 -46.52 -2.59 -7.84
N PRO C 47 -45.65 -3.12 -8.75
CA PRO C 47 -44.19 -3.05 -8.50
C PRO C 47 -43.67 -1.63 -8.24
N GLU C 48 -44.00 -0.69 -9.13
CA GLU C 48 -43.65 0.73 -9.02
C GLU C 48 -43.97 1.36 -7.65
N GLU C 49 -45.03 0.88 -7.02
CA GLU C 49 -45.51 1.40 -5.75
C GLU C 49 -44.59 0.94 -4.63
N LEU C 50 -44.10 -0.31 -4.70
CA LEU C 50 -43.19 -0.87 -3.69
C LEU C 50 -41.83 -0.19 -3.80
N TRP C 51 -41.30 -0.17 -5.03
CA TRP C 51 -40.11 0.57 -5.37
C TRP C 51 -40.10 1.95 -4.72
N ASN C 52 -41.20 2.70 -4.80
CA ASN C 52 -41.28 4.03 -4.17
C ASN C 52 -41.19 3.99 -2.63
N GLU C 53 -41.82 3.01 -2.01
CA GLU C 53 -41.75 2.86 -0.55
C GLU C 53 -40.32 2.56 -0.08
N LEU C 54 -39.61 1.70 -0.81
CA LEU C 54 -38.26 1.28 -0.43
C LEU C 54 -37.24 2.43 -0.63
N LYS C 55 -37.28 3.07 -1.81
CA LYS C 55 -36.56 4.32 -2.06
C LYS C 55 -36.73 5.31 -0.90
N VAL C 56 -37.97 5.47 -0.47
CA VAL C 56 -38.34 6.47 0.55
C VAL C 56 -37.91 6.02 1.95
N ALA C 57 -38.02 4.73 2.25
CA ALA C 57 -37.47 4.13 3.46
C ALA C 57 -35.96 4.29 3.50
N SER C 58 -35.32 3.98 2.39
CA SER C 58 -33.87 4.14 2.28
C SER C 58 -33.39 5.57 2.57
N LYS C 59 -34.16 6.58 2.15
CA LYS C 59 -33.85 7.97 2.47
C LYS C 59 -34.09 8.29 3.95
N ILE C 60 -35.15 7.79 4.54
CA ILE C 60 -35.42 8.07 5.96
C ILE C 60 -34.27 7.51 6.81
N LEU C 61 -33.76 6.35 6.43
CA LEU C 61 -32.78 5.63 7.18
C LEU C 61 -31.39 6.23 7.02
N TYR C 62 -31.06 6.57 5.77
CA TYR C 62 -29.80 7.25 5.43
C TYR C 62 -29.60 8.56 6.20
N ASN C 63 -30.68 9.32 6.35
CA ASN C 63 -30.67 10.64 7.02
C ASN C 63 -30.84 10.54 8.54
N THR C 64 -30.15 9.59 9.17
CA THR C 64 -30.24 9.44 10.61
C THR C 64 -28.91 9.92 11.17
N ARG C 65 -27.89 9.09 11.01
CA ARG C 65 -26.56 9.37 11.47
C ARG C 65 -25.68 9.18 10.25
N PRO C 66 -24.84 10.20 9.93
CA PRO C 66 -24.12 10.22 8.66
C PRO C 66 -22.77 9.53 8.65
N THR C 67 -22.16 9.34 9.81
CA THR C 67 -20.71 9.12 9.84
C THR C 67 -20.30 7.69 9.56
N ALA C 68 -21.08 6.72 10.06
CA ALA C 68 -20.80 5.29 9.82
C ALA C 68 -21.30 4.86 8.43
N VAL C 69 -20.40 4.60 7.50
CA VAL C 69 -20.79 4.21 6.16
C VAL C 69 -21.46 2.82 6.06
N SER C 70 -21.24 1.97 7.07
CA SER C 70 -21.97 0.71 7.22
C SER C 70 -23.45 0.85 6.86
N LEU C 71 -24.10 1.91 7.34
CA LEU C 71 -25.52 2.19 7.05
C LEU C 71 -25.81 2.35 5.55
N PRO C 72 -25.21 3.36 4.90
CA PRO C 72 -25.46 3.41 3.47
C PRO C 72 -24.97 2.17 2.69
N ASN C 73 -23.94 1.46 3.13
CA ASN C 73 -23.49 0.22 2.45
C ASN C 73 -24.50 -0.95 2.58
N ALA C 74 -25.27 -0.95 3.66
CA ALA C 74 -26.38 -1.92 3.85
C ALA C 74 -27.54 -1.59 2.91
N LEU C 75 -27.98 -0.33 2.91
CA LEU C 75 -29.04 0.11 2.03
C LEU C 75 -28.62 -0.13 0.55
N ARG C 76 -27.39 0.19 0.20
CA ARG C 76 -26.90 -0.09 -1.14
C ARG C 76 -26.98 -1.55 -1.48
N TYR C 77 -26.62 -2.40 -0.53
CA TYR C 77 -26.62 -3.81 -0.78
C TYR C 77 -28.01 -4.28 -1.22
N VAL C 78 -29.02 -4.00 -0.40
CA VAL C 78 -30.43 -4.26 -0.74
C VAL C 78 -30.84 -3.50 -2.05
N MET C 79 -30.79 -2.17 -2.03
CA MET C 79 -31.40 -1.39 -3.08
C MET C 79 -30.74 -1.52 -4.45
N HIS C 80 -29.43 -1.75 -4.52
CA HIS C 80 -28.78 -2.07 -5.82
C HIS C 80 -29.49 -3.23 -6.54
N ARG C 81 -29.83 -4.25 -5.74
CA ARG C 81 -30.43 -5.49 -6.19
C ARG C 81 -31.92 -5.34 -6.48
N VAL C 82 -32.62 -4.68 -5.54
CA VAL C 82 -34.00 -4.24 -5.72
C VAL C 82 -34.10 -3.39 -6.97
N LYS C 83 -33.22 -2.42 -7.15
CA LYS C 83 -33.22 -1.62 -8.38
C LYS C 83 -32.95 -2.41 -9.69
N ALA C 84 -32.00 -3.33 -9.69
CA ALA C 84 -31.72 -4.11 -10.91
C ALA C 84 -32.89 -5.07 -11.27
N ALA C 85 -33.60 -5.56 -10.25
CA ALA C 85 -34.82 -6.34 -10.47
C ALA C 85 -35.89 -5.44 -11.12
N TYR C 86 -36.16 -4.31 -10.47
CA TYR C 86 -37.22 -3.39 -10.91
C TYR C 86 -37.04 -2.98 -12.37
N LEU C 87 -35.80 -2.75 -12.79
CA LEU C 87 -35.48 -2.38 -14.16
C LEU C 87 -35.51 -3.56 -15.14
N GLY C 88 -35.32 -4.77 -14.66
CA GLY C 88 -35.57 -5.97 -15.47
C GLY C 88 -37.05 -6.35 -15.49
N GLY C 89 -37.92 -5.46 -15.06
CA GLY C 89 -39.34 -5.67 -15.13
C GLY C 89 -39.87 -6.69 -14.14
N ALA C 90 -39.15 -6.96 -13.07
CA ALA C 90 -39.67 -7.84 -12.05
C ALA C 90 -41.13 -7.46 -11.67
N ASP C 91 -42.01 -8.45 -11.61
CA ASP C 91 -43.36 -8.27 -11.06
C ASP C 91 -43.26 -7.94 -9.57
N LEU C 92 -44.39 -7.67 -8.95
CA LEU C 92 -44.48 -7.31 -7.54
C LEU C 92 -43.83 -8.32 -6.58
N GLU C 93 -44.20 -9.59 -6.61
CA GLU C 93 -43.68 -10.51 -5.55
C GLU C 93 -42.18 -10.86 -5.74
N THR C 94 -41.70 -10.71 -6.97
CA THR C 94 -40.29 -10.81 -7.26
C THR C 94 -39.51 -9.63 -6.67
N LEU C 95 -40.08 -8.43 -6.73
CA LEU C 95 -39.42 -7.26 -6.16
C LEU C 95 -39.43 -7.36 -4.64
N ARG C 96 -40.58 -7.71 -4.05
CA ARG C 96 -40.71 -7.93 -2.60
C ARG C 96 -39.70 -8.93 -2.09
N PHE C 97 -39.42 -9.96 -2.89
CA PHE C 97 -38.50 -10.97 -2.45
C PHE C 97 -37.06 -10.50 -2.60
N THR C 98 -36.69 -9.92 -3.73
CA THR C 98 -35.35 -9.34 -3.88
C THR C 98 -34.96 -8.49 -2.66
N ALA C 99 -35.93 -7.72 -2.13
CA ALA C 99 -35.71 -6.87 -0.97
C ALA C 99 -35.54 -7.69 0.27
N ILE C 100 -36.49 -8.57 0.53
CA ILE C 100 -36.45 -9.43 1.70
C ILE C 100 -35.16 -10.29 1.76
N ASN C 101 -34.81 -10.88 0.64
CA ASN C 101 -33.69 -11.80 0.61
C ASN C 101 -32.38 -11.03 0.71
N SER C 102 -32.22 -9.96 -0.07
CA SER C 102 -31.04 -9.10 0.02
C SER C 102 -30.80 -8.59 1.44
N ALA C 103 -31.86 -8.20 2.14
CA ALA C 103 -31.72 -7.81 3.54
C ALA C 103 -31.18 -9.00 4.33
N LYS C 104 -31.77 -10.17 4.13
CA LYS C 104 -31.35 -11.38 4.85
C LYS C 104 -29.91 -11.80 4.54
N GLU C 105 -29.45 -11.77 3.28
CA GLU C 105 -28.01 -12.09 3.01
C GLU C 105 -27.09 -11.08 3.72
N PHE C 106 -27.43 -9.79 3.69
CA PHE C 106 -26.55 -8.78 4.28
C PHE C 106 -26.41 -9.03 5.75
N ILE C 107 -27.54 -9.23 6.42
CA ILE C 107 -27.59 -9.51 7.86
C ILE C 107 -26.84 -10.80 8.28
N TYR C 108 -26.89 -11.86 7.46
CA TYR C 108 -26.19 -13.13 7.76
C TYR C 108 -24.69 -12.92 7.51
N ASN C 109 -24.34 -12.39 6.34
CA ASN C 109 -22.95 -11.98 6.03
C ASN C 109 -22.30 -11.05 7.06
N SER C 110 -23.10 -10.15 7.65
CA SER C 110 -22.60 -9.32 8.74
C SER C 110 -22.16 -10.22 9.91
N GLU C 111 -23.11 -10.93 10.54
CA GLU C 111 -22.81 -11.94 11.58
C GLU C 111 -21.59 -12.84 11.22
N LYS C 112 -21.52 -13.35 9.98
CA LYS C 112 -20.39 -14.19 9.58
C LYS C 112 -19.07 -13.43 9.58
N ALA C 113 -19.09 -12.17 9.11
CA ALA C 113 -17.85 -11.39 8.98
C ALA C 113 -17.19 -11.13 10.34
N ILE C 114 -18.03 -10.91 11.36
CA ILE C 114 -17.61 -10.51 12.70
C ILE C 114 -17.03 -11.65 13.51
N GLU C 115 -17.67 -12.80 13.38
CA GLU C 115 -17.18 -14.08 13.87
C GLU C 115 -15.86 -14.43 13.21
N ARG C 116 -15.70 -14.14 11.92
CA ARG C 116 -14.46 -14.49 11.18
C ARG C 116 -13.33 -13.47 11.47
N ILE C 117 -13.71 -12.20 11.69
CA ILE C 117 -12.79 -11.16 12.18
C ILE C 117 -12.20 -11.59 13.54
N GLY C 118 -13.09 -12.09 14.41
CA GLY C 118 -12.71 -12.59 15.69
C GLY C 118 -11.69 -13.69 15.61
N GLU C 119 -11.93 -14.63 14.69
CA GLU C 119 -11.03 -15.78 14.47
C GLU C 119 -9.66 -15.33 13.96
N ILE C 120 -9.65 -14.47 12.95
CA ILE C 120 -8.41 -13.94 12.34
C ILE C 120 -7.61 -13.06 13.34
N GLY C 121 -8.30 -12.10 13.94
CA GLY C 121 -7.69 -11.15 14.86
C GLY C 121 -7.18 -11.74 16.16
N ALA C 122 -7.83 -12.79 16.64
CA ALA C 122 -7.39 -13.46 17.85
C ALA C 122 -6.03 -14.10 17.71
N LYS C 123 -5.56 -14.32 16.48
CA LYS C 123 -4.24 -14.92 16.31
C LYS C 123 -3.12 -13.92 16.52
N ARG C 124 -3.45 -12.65 16.50
CA ARG C 124 -2.46 -11.64 16.75
C ARG C 124 -2.43 -11.29 18.21
N ILE C 125 -3.32 -11.88 19.01
CA ILE C 125 -3.25 -11.75 20.47
C ILE C 125 -2.42 -12.91 21.01
N GLU C 126 -1.44 -12.59 21.86
CA GLU C 126 -0.49 -13.57 22.42
C GLU C 126 -0.80 -13.75 23.87
N ASP C 127 -0.36 -14.87 24.45
CA ASP C 127 -0.69 -15.19 25.83
C ASP C 127 -0.06 -14.14 26.75
N GLY C 128 -0.82 -13.68 27.74
CA GLY C 128 -0.33 -12.68 28.66
C GLY C 128 -0.69 -11.26 28.29
N ASP C 129 -0.99 -11.02 27.02
CA ASP C 129 -1.32 -9.70 26.49
C ASP C 129 -2.31 -8.90 27.33
N ILE C 130 -1.94 -7.65 27.52
CA ILE C 130 -2.86 -6.65 28.01
C ILE C 130 -3.26 -5.84 26.79
N ILE C 131 -4.56 -5.55 26.68
CA ILE C 131 -5.15 -4.94 25.50
C ILE C 131 -5.97 -3.75 25.91
N MET C 132 -5.69 -2.62 25.28
CA MET C 132 -6.52 -1.44 25.44
C MET C 132 -7.49 -1.37 24.26
N THR C 133 -8.71 -0.98 24.56
CA THR C 133 -9.74 -0.78 23.55
C THR C 133 -10.45 0.54 23.81
N HIS C 134 -11.40 0.87 22.97
CA HIS C 134 -12.07 2.15 23.07
C HIS C 134 -13.48 1.99 22.52
N CYS C 135 -14.41 2.77 23.05
CA CYS C 135 -15.82 2.66 22.71
C CYS C 135 -16.30 1.25 23.04
N HIS C 136 -17.35 0.84 22.32
CA HIS C 136 -17.82 -0.52 22.26
C HIS C 136 -17.90 -0.97 20.80
N SER C 137 -16.95 -1.81 20.39
CA SER C 137 -16.99 -2.40 19.07
C SER C 137 -17.17 -3.93 19.11
N LYS C 138 -18.24 -4.37 18.46
CA LYS C 138 -18.61 -5.75 18.32
C LYS C 138 -17.49 -6.52 17.60
N ALA C 139 -16.76 -5.87 16.68
CA ALA C 139 -15.66 -6.52 15.96
C ALA C 139 -14.42 -6.62 16.82
N ALA C 140 -14.06 -5.52 17.46
CA ALA C 140 -12.97 -5.54 18.46
C ALA C 140 -13.24 -6.61 19.52
N ILE C 141 -14.47 -6.65 20.00
CA ILE C 141 -14.86 -7.58 21.06
C ILE C 141 -14.80 -9.04 20.61
N SER C 142 -15.10 -9.30 19.35
CA SER C 142 -14.97 -10.65 18.77
C SER C 142 -13.53 -11.16 18.83
N VAL C 143 -12.58 -10.28 18.55
CA VAL C 143 -11.16 -10.58 18.65
C VAL C 143 -10.75 -10.87 20.09
N MET C 144 -11.24 -10.06 21.02
CA MET C 144 -10.84 -10.22 22.39
C MET C 144 -11.47 -11.47 22.93
N LYS C 145 -12.73 -11.72 22.60
CA LYS C 145 -13.46 -12.90 23.09
C LYS C 145 -12.92 -14.25 22.57
N LYS C 146 -12.59 -14.31 21.28
CA LYS C 146 -12.07 -15.52 20.69
C LYS C 146 -10.74 -15.83 21.34
N ALA C 147 -9.85 -14.85 21.35
CA ALA C 147 -8.52 -15.01 21.96
C ALA C 147 -8.60 -15.57 23.37
N PHE C 148 -9.48 -15.02 24.19
CA PHE C 148 -9.73 -15.58 25.54
C PHE C 148 -10.20 -17.04 25.52
N GLU C 149 -11.14 -17.35 24.62
CA GLU C 149 -11.64 -18.72 24.44
C GLU C 149 -10.57 -19.68 23.98
N GLN C 150 -9.53 -19.19 23.34
CA GLN C 150 -8.36 -20.01 23.01
C GLN C 150 -7.48 -20.36 24.21
N GLY C 151 -7.78 -19.87 25.42
CA GLY C 151 -6.97 -20.15 26.62
C GLY C 151 -5.93 -19.10 26.96
N LYS C 152 -5.87 -18.03 26.19
CA LYS C 152 -4.83 -17.01 26.36
C LYS C 152 -5.24 -16.13 27.52
N ASN C 153 -4.37 -15.98 28.50
CA ASN C 153 -4.74 -15.20 29.69
C ASN C 153 -4.44 -13.78 29.32
N ILE C 154 -5.51 -13.05 29.01
CA ILE C 154 -5.47 -11.65 28.65
C ILE C 154 -6.17 -10.85 29.73
N LYS C 155 -6.00 -9.54 29.65
CA LYS C 155 -6.64 -8.57 30.53
C LYS C 155 -6.97 -7.42 29.57
N VAL C 156 -8.11 -6.75 29.76
CA VAL C 156 -8.45 -5.65 28.86
C VAL C 156 -8.63 -4.31 29.58
N ILE C 157 -7.89 -3.30 29.10
CA ILE C 157 -8.10 -1.90 29.50
C ILE C 157 -9.26 -1.30 28.68
N VAL C 158 -10.34 -0.97 29.36
CA VAL C 158 -11.51 -0.41 28.76
C VAL C 158 -11.47 1.06 29.12
N THR C 159 -11.21 1.91 28.14
CA THR C 159 -11.44 3.34 28.29
C THR C 159 -12.94 3.60 28.33
N GLU C 160 -13.34 4.59 29.12
CA GLU C 160 -14.73 4.78 29.48
C GLU C 160 -15.55 5.34 28.32
N THR C 161 -14.88 6.10 27.46
CA THR C 161 -15.48 6.63 26.23
C THR C 161 -16.60 7.63 26.50
N ARG C 162 -16.22 8.79 27.01
CA ARG C 162 -17.12 9.93 27.02
C ARG C 162 -17.51 10.39 25.59
N PRO C 163 -18.63 11.05 25.43
CA PRO C 163 -19.59 11.41 26.51
C PRO C 163 -20.69 10.38 26.79
N LYS C 164 -20.94 9.47 25.87
CA LYS C 164 -22.06 8.56 26.00
C LYS C 164 -21.79 7.28 26.82
N TRP C 165 -20.58 7.15 27.36
CA TRP C 165 -20.21 6.06 28.27
C TRP C 165 -20.21 4.69 27.63
N GLN C 166 -19.88 4.62 26.35
CA GLN C 166 -19.83 3.33 25.66
C GLN C 166 -19.00 2.27 26.39
N GLY C 167 -17.93 2.71 27.05
CA GLY C 167 -17.01 1.80 27.70
C GLY C 167 -17.63 0.97 28.79
N LYS C 168 -18.73 1.44 29.40
CA LYS C 168 -19.44 0.64 30.40
C LYS C 168 -20.05 -0.63 29.80
N ILE C 169 -20.61 -0.48 28.61
CA ILE C 169 -21.17 -1.58 27.86
C ILE C 169 -20.05 -2.61 27.60
N THR C 170 -18.88 -2.13 27.19
CA THR C 170 -17.74 -2.99 26.88
C THR C 170 -17.18 -3.69 28.12
N ALA C 171 -17.28 -3.02 29.27
CA ALA C 171 -16.62 -3.46 30.47
C ALA C 171 -17.45 -4.58 31.09
N LYS C 172 -18.77 -4.38 31.09
CA LYS C 172 -19.72 -5.39 31.55
C LYS C 172 -19.70 -6.60 30.63
N GLU C 173 -19.65 -6.36 29.31
CA GLU C 173 -19.74 -7.46 28.36
C GLU C 173 -18.57 -8.42 28.50
N LEU C 174 -17.35 -7.91 28.30
CA LEU C 174 -16.12 -8.69 28.44
C LEU C 174 -16.04 -9.39 29.81
N ALA C 175 -16.33 -8.67 30.88
CA ALA C 175 -16.44 -9.29 32.21
C ALA C 175 -17.39 -10.49 32.15
N SER C 176 -18.60 -10.28 31.63
CA SER C 176 -19.58 -11.37 31.50
C SER C 176 -19.04 -12.65 30.80
N TYR C 177 -18.06 -12.54 29.90
CA TYR C 177 -17.36 -13.74 29.36
C TYR C 177 -16.20 -14.26 30.24
N GLY C 178 -15.93 -13.63 31.38
CA GLY C 178 -14.82 -14.02 32.28
C GLY C 178 -13.43 -13.44 31.99
N ILE C 179 -13.40 -12.32 31.25
CA ILE C 179 -12.18 -11.66 30.86
C ILE C 179 -12.00 -10.52 31.85
N PRO C 180 -10.88 -10.52 32.57
CA PRO C 180 -10.63 -9.43 33.52
C PRO C 180 -10.47 -8.08 32.81
N VAL C 181 -11.14 -7.07 33.33
CA VAL C 181 -11.15 -5.72 32.79
C VAL C 181 -10.47 -4.74 33.76
N ILE C 182 -9.62 -3.88 33.21
CA ILE C 182 -9.20 -2.62 33.87
C ILE C 182 -10.01 -1.46 33.27
N TYR C 183 -10.78 -0.74 34.07
CA TYR C 183 -11.61 0.38 33.55
C TYR C 183 -10.98 1.70 33.92
N ILE C 184 -10.80 2.59 32.95
CA ILE C 184 -10.13 3.87 33.19
C ILE C 184 -10.80 5.01 32.46
N VAL C 185 -10.53 6.24 32.88
CA VAL C 185 -10.92 7.41 32.09
C VAL C 185 -10.10 7.55 30.78
N ASP C 186 -10.68 8.22 29.80
CA ASP C 186 -10.04 8.38 28.48
C ASP C 186 -8.67 9.03 28.58
N SER C 187 -8.59 10.08 29.41
CA SER C 187 -7.36 10.83 29.68
C SER C 187 -6.16 10.01 30.15
N ALA C 188 -6.42 8.83 30.74
CA ALA C 188 -5.38 7.96 31.27
C ALA C 188 -4.79 6.97 30.24
N ALA C 189 -5.19 7.07 28.98
CA ALA C 189 -4.64 6.20 27.92
C ALA C 189 -3.13 6.23 27.78
N ARG C 190 -2.49 7.39 27.87
CA ARG C 190 -1.03 7.41 27.75
C ARG C 190 -0.35 6.83 28.99
N HIS C 191 -0.92 7.12 30.14
CA HIS C 191 -0.35 6.67 31.40
C HIS C 191 -0.27 5.15 31.44
N TYR C 192 -1.24 4.47 30.83
CA TYR C 192 -1.32 3.00 30.84
C TYR C 192 -0.89 2.36 29.52
N MET C 193 -0.41 3.16 28.58
CA MET C 193 0.07 2.62 27.33
C MET C 193 1.39 1.86 27.51
N LYS C 194 2.12 2.12 28.60
CA LYS C 194 3.36 1.40 28.87
C LYS C 194 3.15 -0.04 29.26
N MET C 195 2.01 -0.35 29.86
CA MET C 195 1.67 -1.73 30.21
C MET C 195 0.82 -2.44 29.18
N THR C 196 0.31 -1.69 28.22
CA THR C 196 -0.47 -2.20 27.13
C THR C 196 0.45 -2.85 26.13
N ASP C 197 0.07 -4.06 25.70
CA ASP C 197 0.77 -4.82 24.65
C ASP C 197 0.13 -4.64 23.26
N LYS C 198 -1.20 -4.45 23.21
CA LYS C 198 -1.94 -4.47 21.96
C LYS C 198 -3.08 -3.50 22.08
N VAL C 199 -3.36 -2.75 21.02
CA VAL C 199 -4.57 -1.95 20.94
C VAL C 199 -5.51 -2.54 19.88
N VAL C 200 -6.78 -2.70 20.23
CA VAL C 200 -7.79 -3.27 19.32
C VAL C 200 -9.06 -2.44 19.36
N MET C 201 -9.41 -1.81 18.23
CA MET C 201 -10.60 -0.91 18.12
C MET C 201 -11.41 -1.20 16.88
N GLY C 202 -12.62 -0.67 16.88
CA GLY C 202 -13.50 -0.73 15.74
C GLY C 202 -13.26 0.37 14.71
N ALA C 203 -14.20 0.51 13.79
CA ALA C 203 -14.17 1.54 12.78
C ALA C 203 -15.61 1.81 12.38
N ASP C 204 -15.90 3.06 12.10
CA ASP C 204 -17.18 3.47 11.53
C ASP C 204 -17.11 3.66 10.03
N SER C 205 -15.98 4.17 9.55
CA SER C 205 -15.72 4.32 8.13
C SER C 205 -14.21 4.24 7.95
N ILE C 206 -13.75 3.63 6.86
CA ILE C 206 -12.34 3.55 6.54
C ILE C 206 -12.21 4.11 5.13
N THR C 207 -11.25 4.98 4.93
CA THR C 207 -11.19 5.75 3.71
C THR C 207 -10.32 5.00 2.69
N ALA C 208 -10.33 5.50 1.47
CA ALA C 208 -9.47 5.06 0.40
C ALA C 208 -7.98 5.11 0.70
N ASN C 209 -7.56 6.05 1.54
CA ASN C 209 -6.12 6.20 1.78
C ASN C 209 -5.65 5.49 3.03
N GLY C 210 -6.58 4.90 3.76
CA GLY C 210 -6.25 4.11 4.95
C GLY C 210 -6.73 4.71 6.26
N ALA C 211 -7.20 5.95 6.24
CA ALA C 211 -7.57 6.61 7.47
C ALA C 211 -8.78 5.91 8.08
N VAL C 212 -8.85 5.86 9.40
CA VAL C 212 -9.92 5.21 10.11
C VAL C 212 -10.72 6.24 10.90
N ILE C 213 -12.03 6.34 10.64
CA ILE C 213 -12.93 7.19 11.39
C ILE C 213 -13.55 6.28 12.42
N ASN C 214 -13.60 6.71 13.68
CA ASN C 214 -14.11 5.91 14.79
C ASN C 214 -14.34 6.84 15.99
N LYS C 215 -14.87 6.28 17.07
CA LYS C 215 -15.26 7.06 18.24
C LYS C 215 -14.22 8.06 18.65
N ILE C 216 -14.69 9.27 18.93
CA ILE C 216 -13.89 10.40 19.47
C ILE C 216 -12.97 9.88 20.55
N GLY C 217 -11.69 10.11 20.32
CA GLY C 217 -10.64 9.63 21.18
C GLY C 217 -9.74 8.65 20.51
N THR C 218 -10.22 8.03 19.44
CA THR C 218 -9.53 6.91 18.84
C THR C 218 -8.17 7.31 18.35
N SER C 219 -8.06 8.49 17.77
CA SER C 219 -6.77 9.01 17.29
C SER C 219 -5.76 9.35 18.41
N LEU C 220 -6.25 9.73 19.58
CA LEU C 220 -5.36 10.02 20.72
C LEU C 220 -4.71 8.74 21.22
N ILE C 221 -5.53 7.70 21.30
CA ILE C 221 -5.05 6.39 21.64
C ILE C 221 -4.12 5.86 20.51
N ALA C 222 -4.52 5.96 19.24
CA ALA C 222 -3.57 5.53 18.16
C ALA C 222 -2.18 6.21 18.22
N LEU C 223 -2.19 7.52 18.51
CA LEU C 223 -0.97 8.35 18.56
C LEU C 223 0.01 7.95 19.67
N THR C 224 -0.51 7.88 20.91
CA THR C 224 0.32 7.41 22.03
C THR C 224 0.71 5.95 21.91
N ALA C 225 -0.13 5.10 21.31
CA ALA C 225 0.33 3.73 20.92
C ALA C 225 1.48 3.70 19.88
N LYS C 226 1.40 4.52 18.84
CA LYS C 226 2.56 4.65 17.97
C LYS C 226 3.80 5.11 18.74
N GLU C 227 3.59 6.09 19.62
CA GLU C 227 4.64 6.65 20.39
C GLU C 227 5.35 5.56 21.15
N HIS C 228 4.60 4.57 21.65
CA HIS C 228 5.19 3.50 22.48
C HIS C 228 5.41 2.19 21.76
N ARG C 229 5.30 2.20 20.43
CA ARG C 229 5.47 1.00 19.57
C ARG C 229 4.54 -0.16 19.91
N VAL C 230 3.32 0.13 20.36
CA VAL C 230 2.27 -0.82 20.58
C VAL C 230 1.48 -0.93 19.29
N TRP C 231 1.14 -2.16 18.89
CA TRP C 231 0.36 -2.39 17.67
C TRP C 231 -1.05 -1.89 17.81
N VAL C 232 -1.52 -1.15 16.79
CA VAL C 232 -2.91 -0.71 16.72
C VAL C 232 -3.55 -1.54 15.63
N MET C 233 -4.56 -2.30 16.03
CA MET C 233 -5.23 -3.22 15.16
C MET C 233 -6.68 -2.85 15.12
N ILE C 234 -7.15 -2.54 13.92
CA ILE C 234 -8.51 -2.10 13.71
C ILE C 234 -9.32 -3.27 13.17
N ALA C 235 -10.37 -3.63 13.87
CA ALA C 235 -11.25 -4.74 13.50
C ALA C 235 -12.45 -4.19 12.73
N ALA C 236 -12.48 -4.42 11.43
CA ALA C 236 -13.52 -3.81 10.58
C ALA C 236 -14.00 -4.71 9.47
N GLU C 237 -15.30 -4.94 9.43
CA GLU C 237 -16.01 -5.57 8.32
C GLU C 237 -15.75 -4.78 7.01
N THR C 238 -15.68 -5.46 5.88
CA THR C 238 -15.49 -4.81 4.57
C THR C 238 -16.55 -3.73 4.21
N TYR C 239 -17.77 -3.82 4.75
CA TYR C 239 -18.79 -2.76 4.56
C TYR C 239 -18.60 -1.51 5.44
N LYS C 240 -17.48 -1.44 6.16
CA LYS C 240 -17.05 -0.23 6.87
C LYS C 240 -16.15 0.64 6.00
N PHE C 241 -15.73 0.13 4.86
CA PHE C 241 -14.91 0.89 3.92
C PHE C 241 -15.85 1.86 3.14
N HIS C 242 -15.39 3.08 2.88
CA HIS C 242 -16.24 4.19 2.41
C HIS C 242 -16.04 4.46 0.89
N PRO C 243 -16.98 4.03 0.03
CA PRO C 243 -16.69 4.15 -1.42
C PRO C 243 -16.52 5.59 -1.96
N ALA C 244 -17.34 6.53 -1.49
CA ALA C 244 -17.26 7.95 -1.87
C ALA C 244 -15.84 8.52 -1.70
N THR C 245 -15.10 8.02 -0.70
CA THR C 245 -13.73 8.50 -0.51
C THR C 245 -12.82 8.27 -1.71
N MET C 246 -13.14 7.30 -2.56
CA MET C 246 -12.36 7.01 -3.79
C MET C 246 -12.37 8.19 -4.74
N LEU C 247 -13.50 8.92 -4.77
CA LEU C 247 -13.66 10.08 -5.66
C LEU C 247 -13.51 11.43 -4.96
N GLY C 248 -12.81 11.44 -3.83
CA GLY C 248 -12.39 12.69 -3.17
C GLY C 248 -13.19 13.10 -1.95
N GLN C 249 -14.32 12.47 -1.72
CA GLN C 249 -15.19 12.79 -0.61
C GLN C 249 -14.43 12.74 0.69
N LEU C 250 -14.85 13.61 1.59
CA LEU C 250 -14.47 13.57 3.01
C LEU C 250 -15.64 13.08 3.84
N VAL C 251 -15.35 12.28 4.85
CA VAL C 251 -16.37 11.73 5.69
C VAL C 251 -16.84 12.87 6.59
N GLU C 252 -18.15 13.02 6.73
CA GLU C 252 -18.74 14.00 7.60
C GLU C 252 -18.63 13.53 9.06
N ILE C 253 -18.22 14.44 9.94
CA ILE C 253 -18.06 14.12 11.35
C ILE C 253 -19.28 14.62 12.08
N GLU C 254 -20.16 13.68 12.48
CA GLU C 254 -21.37 13.99 13.19
C GLU C 254 -21.08 14.76 14.48
N MET C 255 -21.73 15.91 14.61
CA MET C 255 -21.78 16.70 15.83
C MET C 255 -23.11 16.40 16.51
N ARG C 256 -23.06 15.86 17.72
CA ARG C 256 -24.27 15.40 18.40
C ARG C 256 -24.63 16.39 19.44
N ASP C 257 -25.79 16.17 20.04
CA ASP C 257 -26.33 17.09 21.02
C ASP C 257 -25.31 17.48 22.11
N PRO C 258 -25.24 18.77 22.49
CA PRO C 258 -24.44 19.17 23.66
C PRO C 258 -24.93 18.58 25.00
N THR C 259 -26.20 18.20 25.09
CA THR C 259 -26.74 17.65 26.35
C THR C 259 -26.15 16.28 26.75
N GLU C 260 -25.63 15.56 25.77
CA GLU C 260 -24.85 14.35 26.03
C GLU C 260 -23.58 14.64 26.83
N VAL C 261 -23.01 15.83 26.64
CA VAL C 261 -21.83 16.25 27.41
C VAL C 261 -22.27 16.80 28.77
N ILE C 262 -22.89 17.97 28.80
CA ILE C 262 -23.43 18.56 30.03
C ILE C 262 -24.92 18.32 30.00
N PRO C 263 -25.49 17.58 30.98
CA PRO C 263 -26.95 17.39 31.07
C PRO C 263 -27.80 18.68 31.00
N GLU C 264 -29.06 18.57 30.53
CA GLU C 264 -29.90 19.74 30.24
C GLU C 264 -30.19 20.60 31.48
N GLU C 265 -30.48 19.97 32.60
CA GLU C 265 -30.74 20.75 33.82
C GLU C 265 -29.54 21.59 34.24
N GLU C 266 -28.32 21.14 33.94
CA GLU C 266 -27.10 21.92 34.28
C GLU C 266 -26.75 22.95 33.17
N LEU C 267 -26.78 22.53 31.91
CA LEU C 267 -26.39 23.39 30.80
C LEU C 267 -27.26 24.65 30.68
N ARG C 268 -28.56 24.54 31.00
CA ARG C 268 -29.50 25.71 31.04
C ARG C 268 -29.02 26.88 31.88
N THR C 269 -28.29 26.57 32.97
CA THR C 269 -27.80 27.58 33.90
C THR C 269 -26.51 28.24 33.42
N TRP C 270 -25.75 27.53 32.58
CA TRP C 270 -24.43 28.02 32.12
C TRP C 270 -24.57 29.22 31.21
N PRO C 271 -23.58 30.13 31.23
CA PRO C 271 -23.65 31.32 30.39
C PRO C 271 -23.67 31.01 28.90
N LYS C 272 -24.00 31.98 28.08
CA LYS C 272 -24.16 31.77 26.62
C LYS C 272 -22.80 31.70 26.01
N ASN C 273 -21.83 32.38 26.62
CA ASN C 273 -20.49 32.46 26.06
C ASN C 273 -19.64 31.17 26.34
N ILE C 274 -20.27 30.08 26.76
CA ILE C 274 -19.65 28.76 26.74
C ILE C 274 -20.37 27.97 25.65
N GLU C 275 -19.66 27.62 24.57
CA GLU C 275 -20.17 26.67 23.56
C GLU C 275 -19.66 25.29 23.92
N VAL C 276 -20.55 24.29 23.94
CA VAL C 276 -20.17 22.88 24.15
C VAL C 276 -20.20 22.15 22.82
N TRP C 277 -19.05 21.69 22.34
CA TRP C 277 -18.93 20.98 21.06
C TRP C 277 -18.76 19.51 21.35
N ASN C 278 -19.65 18.68 20.77
CA ASN C 278 -19.66 17.24 20.96
C ASN C 278 -19.47 16.50 19.64
N PRO C 279 -18.25 16.49 19.08
CA PRO C 279 -17.96 15.63 17.95
C PRO C 279 -17.96 14.19 18.39
N ALA C 280 -18.70 13.34 17.69
CA ALA C 280 -18.79 11.93 18.04
C ALA C 280 -17.69 11.04 17.43
N PHE C 281 -16.87 11.60 16.54
CA PHE C 281 -15.85 10.79 15.84
C PHE C 281 -14.60 11.60 15.58
N ASP C 282 -13.52 10.92 15.27
CA ASP C 282 -12.34 11.58 14.81
C ASP C 282 -11.66 10.66 13.81
N VAL C 283 -10.53 11.12 13.27
CA VAL C 283 -9.96 10.47 12.12
C VAL C 283 -8.50 10.16 12.42
N THR C 284 -8.14 8.89 12.32
CA THR C 284 -6.81 8.46 12.65
C THR C 284 -6.03 8.28 11.34
N PRO C 285 -4.77 8.77 11.28
CA PRO C 285 -3.97 8.54 10.07
C PRO C 285 -3.56 7.10 9.92
N PRO C 286 -3.37 6.62 8.71
CA PRO C 286 -2.94 5.26 8.51
C PRO C 286 -1.53 4.96 8.99
N GLU C 287 -0.69 5.98 9.08
CA GLU C 287 0.63 5.81 9.71
C GLU C 287 0.59 5.33 11.17
N TYR C 288 -0.52 5.48 11.88
CA TYR C 288 -0.65 5.03 13.27
C TYR C 288 -1.39 3.70 13.43
N ILE C 289 -1.64 3.05 12.29
CA ILE C 289 -2.39 1.81 12.21
C ILE C 289 -1.53 0.67 11.67
N ASP C 290 -1.43 -0.38 12.46
CA ASP C 290 -0.60 -1.50 12.13
C ASP C 290 -1.33 -2.40 11.14
N VAL C 291 -2.54 -2.84 11.47
CA VAL C 291 -3.37 -3.59 10.56
C VAL C 291 -4.85 -3.28 10.66
N ILE C 292 -5.57 -3.53 9.56
CA ILE C 292 -7.02 -3.64 9.64
C ILE C 292 -7.29 -5.13 9.46
N ILE C 293 -8.15 -5.64 10.31
CA ILE C 293 -8.49 -7.03 10.33
C ILE C 293 -9.88 -7.02 9.76
N THR C 294 -10.00 -7.51 8.53
CA THR C 294 -11.29 -7.71 7.90
C THR C 294 -11.55 -9.20 7.87
N GLU C 295 -12.78 -9.52 7.47
CA GLU C 295 -13.21 -10.92 7.30
C GLU C 295 -12.62 -11.61 6.09
N ARG C 296 -11.93 -10.90 5.21
CA ARG C 296 -11.17 -11.52 4.13
C ARG C 296 -9.67 -11.53 4.39
N GLY C 297 -9.26 -11.21 5.62
CA GLY C 297 -7.86 -11.13 5.97
C GLY C 297 -7.36 -9.84 6.57
N ILE C 298 -6.11 -9.94 6.98
CA ILE C 298 -5.29 -8.87 7.50
C ILE C 298 -4.71 -8.05 6.34
N ILE C 299 -4.92 -6.74 6.36
CA ILE C 299 -4.29 -5.83 5.40
C ILE C 299 -3.52 -4.75 6.16
N PRO C 300 -2.54 -4.13 5.49
CA PRO C 300 -2.03 -2.88 6.02
C PRO C 300 -3.07 -1.79 5.72
N PRO C 301 -3.13 -0.72 6.52
CA PRO C 301 -4.13 0.31 6.26
C PRO C 301 -4.15 0.84 4.81
N TYR C 302 -2.99 0.98 4.18
CA TYR C 302 -2.89 1.46 2.78
C TYR C 302 -3.62 0.59 1.72
N ALA C 303 -3.95 -0.66 2.03
CA ALA C 303 -4.67 -1.54 1.14
C ALA C 303 -6.19 -1.38 1.21
N ALA C 304 -6.69 -0.51 2.05
CA ALA C 304 -8.09 -0.18 2.00
C ALA C 304 -8.57 0.12 0.58
N ILE C 305 -7.73 0.80 -0.19
CA ILE C 305 -8.07 1.10 -1.60
C ILE C 305 -8.37 -0.14 -2.49
N ASP C 306 -7.72 -1.28 -2.21
CA ASP C 306 -7.98 -2.55 -2.90
C ASP C 306 -9.34 -3.16 -2.52
N ILE C 307 -9.64 -3.26 -1.22
CA ILE C 307 -10.99 -3.65 -0.76
C ILE C 307 -12.01 -2.83 -1.56
N LEU C 308 -11.87 -1.51 -1.51
CA LEU C 308 -12.75 -0.59 -2.23
C LEU C 308 -12.77 -0.77 -3.74
N LYS C 309 -11.62 -0.70 -4.40
CA LYS C 309 -11.55 -0.88 -5.85
C LYS C 309 -12.37 -2.07 -6.31
N GLU C 310 -12.16 -3.23 -5.69
CA GLU C 310 -12.71 -4.48 -6.19
C GLU C 310 -14.06 -4.88 -5.64
N GLU C 311 -14.57 -4.20 -4.62
CA GLU C 311 -15.91 -4.53 -4.11
C GLU C 311 -16.96 -3.45 -4.24
N PHE C 312 -16.53 -2.20 -4.45
CA PHE C 312 -17.41 -1.03 -4.44
C PHE C 312 -17.26 -0.07 -5.65
N GLY C 313 -16.09 -0.10 -6.31
CA GLY C 313 -15.74 0.87 -7.36
C GLY C 313 -16.77 0.93 -8.47
N TRP C 314 -17.22 -0.26 -8.91
CA TRP C 314 -18.30 -0.44 -9.90
C TRP C 314 -19.54 0.50 -9.71
N ALA C 315 -19.98 0.67 -8.46
CA ALA C 315 -21.18 1.44 -8.12
C ALA C 315 -21.03 2.97 -8.29
N LEU C 316 -19.80 3.47 -8.21
CA LEU C 316 -19.54 4.92 -8.17
C LEU C 316 -20.04 5.70 -9.38
N LYS C 317 -19.87 5.15 -10.59
CA LYS C 317 -20.33 5.83 -11.82
C LYS C 317 -21.85 5.99 -11.95
N TYR C 318 -22.62 5.17 -11.20
CA TYR C 318 -24.06 5.35 -11.02
C TYR C 318 -24.38 6.25 -9.83
N LYS C 319 -25.66 6.54 -9.67
CA LYS C 319 -26.19 7.30 -8.56
C LYS C 319 -26.69 6.29 -7.53
N GLU C 320 -27.23 6.82 -6.44
CA GLU C 320 -27.60 6.00 -5.32
C GLU C 320 -28.83 5.18 -5.70
N PRO C 321 -28.84 3.86 -5.46
CA PRO C 321 -29.97 3.03 -5.89
C PRO C 321 -31.36 3.49 -5.45
N TRP C 322 -31.44 4.10 -4.28
CA TRP C 322 -32.67 4.72 -3.80
C TRP C 322 -32.97 6.15 -4.36
N GLU C 323 -32.26 6.59 -5.40
CA GLU C 323 -32.45 7.93 -5.98
C GLU C 323 -33.21 7.81 -7.32
N ASP C 324 -33.83 8.92 -7.74
CA ASP C 324 -34.85 8.88 -8.80
C ASP C 324 -34.25 8.84 -10.18
C1 RUB D . 19.95 -16.01 7.47
C2 RUB D . 19.15 -14.75 7.19
C3 RUB D . 19.26 -14.19 5.80
C4 RUB D . 17.97 -14.66 5.09
C5 RUB D . 18.05 -14.43 3.59
O1 RUB D . 19.33 -16.94 8.38
O2 RUB D . 18.41 -14.27 8.03
O3 RUB D . 19.44 -12.73 5.74
O4 RUB D . 17.62 -16.03 5.35
O5 RUB D . 19.08 -15.11 2.96
P1 RUB D . 20.24 -18.18 8.89
P2 RUB D . 18.91 -15.47 1.40
O1P RUB D . 19.83 -18.26 10.36
O2P RUB D . 21.68 -17.82 8.59
O3P RUB D . 19.74 -19.36 8.08
O4P RUB D . 20.29 -16.04 1.03
O5P RUB D . 17.68 -16.37 1.35
O6P RUB D . 18.59 -14.18 0.65
C1 MPD E . 13.61 7.51 18.13
C2 MPD E . 13.05 8.16 16.89
O2 MPD E . 13.89 9.25 16.51
CM MPD E . 11.59 8.57 17.19
C3 MPD E . 13.18 7.10 15.82
C4 MPD E . 12.59 7.53 14.49
O4 MPD E . 13.65 7.28 13.58
C5 MPD E . 11.32 6.70 14.20
P AMP F . 15.01 10.19 0.85
O1P AMP F . 14.86 11.61 0.31
O2P AMP F . 16.17 9.61 0.10
O3P AMP F . 14.59 9.83 2.31
O5' AMP F . 13.82 9.40 0.14
C5' AMP F . 13.42 9.72 -1.17
C4' AMP F . 12.45 8.63 -1.57
O4' AMP F . 12.38 8.60 -2.98
C3' AMP F . 12.81 7.21 -1.19
O3' AMP F . 11.56 6.52 -1.10
C2' AMP F . 13.59 6.63 -2.33
O2' AMP F . 13.20 5.29 -2.57
C1' AMP F . 13.12 7.47 -3.49
N9 AMP F . 14.10 8.07 -4.46
C8 AMP F . 15.12 8.96 -4.26
N7 AMP F . 15.73 9.30 -5.42
C5 AMP F . 15.05 8.63 -6.37
C6 AMP F . 15.12 8.54 -7.81
N6 AMP F . 16.07 9.24 -8.44
N1 AMP F . 14.24 7.74 -8.45
C2 AMP F . 13.27 7.01 -7.82
N3 AMP F . 13.12 7.04 -6.49
C4 AMP F . 13.98 7.83 -5.74
K K G . 24.17 8.68 5.25
C1 RUB H . 7.20 21.68 -13.51
C2 RUB H . 6.85 20.99 -12.23
C3 RUB H . 5.40 20.85 -11.94
C4 RUB H . 4.98 19.51 -12.54
C5 RUB H . 3.45 19.42 -12.70
O1 RUB H . 8.59 21.65 -13.89
O2 RUB H . 7.67 20.51 -11.45
O3 RUB H . 5.14 20.89 -10.52
O4 RUB H . 5.68 19.23 -13.77
O5 RUB H . 2.98 19.96 -13.94
P1 RUB H . 9.02 22.60 -15.12
P2 RUB H . 1.45 19.74 -14.38
O1P RUB H . 10.53 22.45 -15.09
O2P RUB H . 8.49 24.00 -14.83
O3P RUB H . 8.43 21.91 -16.34
O4P RUB H . 1.52 18.54 -15.28
O5P RUB H . 0.61 19.45 -13.18
O6P RUB H . 1.20 21.07 -15.05
P AMP I . -4.19 14.44 10.24
O1P AMP I . -2.92 14.77 9.49
O2P AMP I . -5.48 15.23 9.88
O3P AMP I . -3.96 14.08 11.69
O5' AMP I . -4.53 12.97 9.69
C5' AMP I . -5.80 12.76 9.12
C4' AMP I . -5.79 11.58 8.22
O4' AMP I . -7.16 11.39 7.90
C3' AMP I . -5.12 11.84 6.89
O3' AMP I . -4.75 10.57 6.36
C2' AMP I . -6.21 12.50 6.07
O2' AMP I . -6.05 12.24 4.70
C1' AMP I . -7.46 11.83 6.57
N9 AMP I . -8.70 12.52 6.88
C8 AMP I . -8.92 13.40 7.89
N7 AMP I . -10.22 13.77 7.96
C5 AMP I . -10.82 13.07 7.02
C6 AMP I . -12.18 12.99 6.59
N6 AMP I . -13.07 13.73 7.22
N1 AMP I . -12.47 12.16 5.59
C2 AMP I . -11.55 11.39 4.99
N3 AMP I . -10.25 11.40 5.33
C4 AMP I . -9.86 12.22 6.33
K K J . -1.55 24.20 10.10
P 5GP K . 28.32 29.40 -20.42
O1P 5GP K . 28.56 27.97 -20.10
O2P 5GP K . 28.71 29.91 -21.76
O3P 5GP K . 26.88 29.74 -20.15
O5' 5GP K . 29.11 30.24 -19.33
C5' 5GP K . 29.01 31.67 -19.27
C4' 5GP K . 29.99 32.24 -18.28
O4' 5GP K . 29.65 31.75 -16.95
C3' 5GP K . 31.45 31.86 -18.52
O3' 5GP K . 32.27 33.02 -18.38
C2' 5GP K . 31.69 30.72 -17.52
O2' 5GP K . 33.01 30.54 -17.02
C1' 5GP K . 30.77 31.12 -16.37
N9 5GP K . 30.31 29.98 -15.57
C8 5GP K . 29.50 28.95 -15.99
N7 5GP K . 29.25 28.08 -15.07
C5 5GP K . 29.94 28.55 -13.95
C6 5GP K . 30.03 28.02 -12.64
O6 5GP K . 29.53 26.99 -12.18
N1 5GP K . 30.83 28.83 -11.82
C2 5GP K . 31.44 29.99 -12.22
N2 5GP K . 32.15 30.63 -11.28
N3 5GP K . 31.35 30.50 -13.44
C4 5GP K . 30.59 29.73 -14.25
C1 RUB L . -19.61 3.36 17.44
C2 RUB L . -18.12 3.21 17.36
C3 RUB L . -17.56 1.82 17.27
C4 RUB L . -17.74 1.44 15.79
C5 RUB L . -17.51 -0.02 15.54
O1 RUB L . -19.99 4.62 17.97
O2 RUB L . -17.40 4.20 17.31
O3 RUB L . -16.14 1.80 17.66
O4 RUB L . -19.05 1.71 15.30
O5 RUB L . -18.45 -0.81 16.21
P1 RUB L . -21.53 4.90 18.27
P2 RUB L . -18.80 -2.28 15.65
O1P RUB L . -21.63 4.34 19.67
O2P RUB L . -21.59 6.38 18.18
O3P RUB L . -22.34 4.28 17.14
O4P RUB L . -17.50 -3.00 15.39
O5P RUB L . -19.49 -1.95 14.34
O6P RUB L . -19.72 -2.75 16.79
P AMP M . 6.97 -3.17 16.39
O1P AMP M . 8.43 -2.86 16.19
O2P AMP M . 6.09 -1.94 16.70
O3P AMP M . 6.65 -4.45 17.16
O5' AMP M . 6.64 -3.54 14.84
C5' AMP M . 6.70 -4.87 14.34
C4' AMP M . 5.99 -5.00 13.01
O4' AMP M . 6.02 -6.35 12.58
C3' AMP M . 4.52 -4.68 13.14
O3' AMP M . 4.01 -4.37 11.84
C2' AMP M . 3.86 -5.95 13.58
O2' AMP M . 2.49 -5.99 13.16
C1' AMP M . 4.75 -6.98 12.90
N9 AMP M . 5.17 -8.16 13.69
C8 AMP M . 5.91 -8.21 14.82
N7 AMP M . 6.13 -9.47 15.21
C5 AMP M . 5.56 -10.26 14.31
C6 AMP M . 5.45 -11.71 14.13
N6 AMP M . 6.01 -12.56 14.99
N1 AMP M . 4.77 -12.14 13.05
C2 AMP M . 4.21 -11.28 12.16
N3 AMP M . 4.27 -9.93 12.25
C4 AMP M . 4.92 -9.39 13.31
K K N . 4.02 -1.18 25.79
P 5GP O . -32.07 22.90 23.74
O1P 5GP O . -32.23 21.63 22.98
O2P 5GP O . -33.42 23.51 23.91
O3P 5GP O . -30.98 23.68 23.07
O5' 5GP O . -31.62 22.45 25.21
C5' 5GP O . -30.34 22.79 25.77
C4' 5GP O . -30.43 23.90 26.79
O4' 5GP O . -29.08 24.34 27.10
C3' 5GP O . -31.14 25.20 26.40
O3' 5GP O . -31.58 25.93 27.55
C2' 5GP O . -30.07 25.98 25.66
O2' 5GP O . -30.18 27.40 25.72
C1' 5GP O . -28.79 25.54 26.40
N9 5GP O . -27.64 25.30 25.53
C8 5GP O . -27.56 24.53 24.40
N7 5GP O . -26.37 24.52 23.87
C5 5GP O . -25.62 25.34 24.70
C6 5GP O . -24.25 25.70 24.63
O6 5GP O . -23.39 25.35 23.80
N1 5GP O . -23.88 26.53 25.68
C2 5GP O . -24.74 26.97 26.68
N2 5GP O . -24.21 27.77 27.61
N3 5GP O . -26.02 26.63 26.75
C4 5GP O . -26.39 25.83 25.73
#